data_2HV8
#
_entry.id   2HV8
#
_cell.length_a   218.291
_cell.length_b   52.601
_cell.length_c   70.679
_cell.angle_alpha   90.00
_cell.angle_beta   105.56
_cell.angle_gamma   90.00
#
_symmetry.space_group_name_H-M   'C 1 2 1'
#
loop_
_entity.id
_entity.type
_entity.pdbx_description
1 polymer 'Ras-related protein Rab-11A'
2 polymer 'Rab11 family-interacting protein 3'
3 non-polymer 'MAGNESIUM ION'
4 non-polymer 'SULFATE ION'
5 non-polymer "GUANOSINE-5'-TRIPHOSPHATE"
6 non-polymer METHOXYETHANE
7 non-polymer '2-(N-MORPHOLINO)-ETHANESULFONIC ACID'
8 water water
#
loop_
_entity_poly.entity_id
_entity_poly.type
_entity_poly.pdbx_seq_one_letter_code
_entity_poly.pdbx_strand_id
1 'polypeptide(L)'
;GSDEYDYLFKVVLIGDSGVGKSNLLSRFTRNEFNLESKSTIGVEFATRSIQVDGKTIKAQIWDTAGLERYRAITSAYYRG
AVGALLVYDIAKHLTYENVERWLKELRDHADSNIVIMLVGNKSDLRHLRAVPTDEARAFAEKNGLSFIETSALDSTNVEA
AFQTILTEIYRI
;
A,B,C
2 'polypeptide(L)' GSGAKSLFSTAFSESLAAEISSVSRDELMEAIQKQEEINFRLQDYIDRIIVAIMETNPSILEVK D,E,F
#
# COMPACT_ATOMS: atom_id res chain seq x y z
N GLU A 4 -6.87 31.06 -6.05
CA GLU A 4 -5.78 30.63 -5.11
C GLU A 4 -6.26 29.49 -4.21
N TYR A 5 -5.31 28.67 -3.77
CA TYR A 5 -5.62 27.55 -2.88
C TYR A 5 -4.41 27.20 -2.01
N ASP A 6 -4.68 26.51 -0.90
CA ASP A 6 -3.64 26.07 0.01
C ASP A 6 -3.15 24.67 -0.30
N TYR A 7 -4.09 23.80 -0.71
CA TYR A 7 -3.77 22.41 -1.05
C TYR A 7 -4.61 21.94 -2.23
N LEU A 8 -3.99 21.10 -3.05
CA LEU A 8 -4.68 20.46 -4.18
C LEU A 8 -4.76 18.96 -3.91
N PHE A 9 -5.98 18.43 -3.80
CA PHE A 9 -6.19 17.00 -3.56
C PHE A 9 -6.81 16.31 -4.76
N LYS A 10 -6.08 15.35 -5.34
CA LYS A 10 -6.62 14.54 -6.42
C LYS A 10 -7.45 13.40 -5.87
N VAL A 11 -8.73 13.36 -6.25
CA VAL A 11 -9.64 12.30 -5.85
C VAL A 11 -10.20 11.64 -7.11
N VAL A 12 -10.16 10.31 -7.15
CA VAL A 12 -10.66 9.57 -8.30
C VAL A 12 -12.02 8.93 -8.04
N LEU A 13 -12.87 8.91 -9.07
CA LEU A 13 -14.12 8.18 -9.02
C LEU A 13 -13.90 6.82 -9.66
N ILE A 14 -14.29 5.76 -8.95
CA ILE A 14 -14.21 4.40 -9.48
C ILE A 14 -15.49 3.64 -9.14
N GLY A 15 -15.68 2.50 -9.80
CA GLY A 15 -16.91 1.72 -9.63
C GLY A 15 -17.46 1.32 -10.98
N ASP A 16 -18.31 0.31 -10.98
CA ASP A 16 -18.83 -0.30 -12.21
C ASP A 16 -19.47 0.71 -13.16
N SER A 17 -19.42 0.40 -14.45
CA SER A 17 -20.13 1.18 -15.45
C SER A 17 -21.60 1.34 -15.05
N GLY A 18 -22.11 2.56 -15.21
CA GLY A 18 -23.52 2.86 -14.95
C GLY A 18 -23.91 3.28 -13.55
N VAL A 19 -22.97 3.25 -12.60
CA VAL A 19 -23.29 3.53 -11.18
C VAL A 19 -23.56 5.02 -10.87
N GLY A 20 -23.11 5.91 -11.76
CA GLY A 20 -23.36 7.34 -11.60
C GLY A 20 -22.16 8.22 -11.28
N LYS A 21 -20.95 7.71 -11.53
CA LYS A 21 -19.70 8.45 -11.30
C LYS A 21 -19.70 9.83 -11.98
N SER A 22 -20.04 9.84 -13.26
CA SER A 22 -19.97 11.08 -14.05
C SER A 22 -20.98 12.10 -13.57
N ASN A 23 -22.14 11.63 -13.13
CA ASN A 23 -23.15 12.51 -12.56
C ASN A 23 -22.83 13.01 -11.16
N LEU A 24 -22.08 12.23 -10.38
CA LEU A 24 -21.55 12.73 -9.12
C LEU A 24 -20.55 13.85 -9.36
N LEU A 25 -19.69 13.66 -10.37
CA LEU A 25 -18.74 14.70 -10.78
C LEU A 25 -19.47 15.98 -11.20
N SER A 26 -20.43 15.85 -12.12
CA SER A 26 -21.16 16.99 -12.65
C SER A 26 -22.01 17.70 -11.60
N ARG A 27 -22.60 16.94 -10.69
CA ARG A 27 -23.38 17.54 -9.60
C ARG A 27 -22.49 18.36 -8.67
N PHE A 28 -21.37 17.78 -8.25
CA PHE A 28 -20.46 18.46 -7.33
C PHE A 28 -19.79 19.70 -7.94
N THR A 29 -19.32 19.58 -9.18
CA THR A 29 -18.49 20.63 -9.78
C THR A 29 -19.25 21.63 -10.65
N ARG A 30 -20.44 21.25 -11.12
CA ARG A 30 -21.22 22.11 -12.03
C ARG A 30 -22.66 22.29 -11.61
N ASN A 31 -23.09 21.57 -10.58
CA ASN A 31 -24.50 21.53 -10.16
C ASN A 31 -25.40 21.09 -11.31
N GLU A 32 -24.92 20.10 -12.07
CA GLU A 32 -25.62 19.61 -13.24
C GLU A 32 -25.81 18.09 -13.18
N PHE A 33 -26.89 17.62 -13.78
CA PHE A 33 -27.21 16.19 -13.84
C PHE A 33 -27.85 15.89 -15.20
N ASN A 34 -27.52 14.73 -15.76
CA ASN A 34 -28.07 14.28 -17.03
C ASN A 34 -28.63 12.87 -16.91
N LEU A 35 -29.95 12.74 -17.03
CA LEU A 35 -30.63 11.46 -17.04
C LEU A 35 -30.18 10.55 -18.17
N GLU A 36 -29.70 11.17 -19.25
CA GLU A 36 -29.38 10.49 -20.50
C GLU A 36 -27.88 10.35 -20.74
N SER A 37 -27.07 10.57 -19.69
CA SER A 37 -25.62 10.47 -19.83
C SER A 37 -25.18 9.10 -20.33
N LYS A 38 -24.20 9.09 -21.22
CA LYS A 38 -23.69 7.86 -21.81
C LYS A 38 -22.32 7.53 -21.22
N SER A 39 -21.84 6.31 -21.47
CA SER A 39 -20.58 5.85 -20.91
C SER A 39 -19.44 6.81 -21.24
N THR A 40 -18.55 7.03 -20.27
CA THR A 40 -17.44 7.95 -20.45
C THR A 40 -16.39 7.35 -21.38
N ILE A 41 -16.05 8.08 -22.44
CA ILE A 41 -15.13 7.54 -23.44
C ILE A 41 -13.68 7.69 -23.02
N GLY A 42 -13.32 8.85 -22.47
CA GLY A 42 -11.94 9.13 -22.13
C GLY A 42 -11.70 9.28 -20.64
N VAL A 43 -10.85 10.24 -20.31
CA VAL A 43 -10.56 10.59 -18.92
C VAL A 43 -10.70 12.10 -18.80
N GLU A 44 -11.42 12.54 -17.78
CA GLU A 44 -11.54 13.96 -17.50
C GLU A 44 -11.50 14.26 -16.01
N PHE A 45 -11.28 15.53 -15.70
CA PHE A 45 -11.37 15.99 -14.32
C PHE A 45 -12.01 17.36 -14.25
N ALA A 46 -12.58 17.68 -13.10
CA ALA A 46 -13.08 19.02 -12.85
C ALA A 46 -12.72 19.41 -11.42
N THR A 47 -12.66 20.71 -11.18
CA THR A 47 -12.22 21.23 -9.89
C THR A 47 -13.30 21.99 -9.14
N ARG A 48 -13.14 22.06 -7.84
CA ARG A 48 -13.97 22.88 -6.97
C ARG A 48 -13.18 23.14 -5.70
N SER A 49 -13.20 24.39 -5.24
CA SER A 49 -12.52 24.75 -4.01
C SER A 49 -13.49 24.82 -2.84
N ILE A 50 -13.14 24.14 -1.75
CA ILE A 50 -13.92 24.18 -0.52
C ILE A 50 -13.03 24.57 0.66
N GLN A 51 -13.66 25.01 1.74
CA GLN A 51 -12.95 25.37 2.96
C GLN A 51 -12.92 24.18 3.91
N VAL A 52 -11.72 23.81 4.35
CA VAL A 52 -11.53 22.79 5.38
C VAL A 52 -10.57 23.31 6.46
N ASP A 53 -11.05 23.36 7.70
CA ASP A 53 -10.27 23.82 8.85
C ASP A 53 -9.50 25.12 8.57
N GLY A 54 -10.20 26.08 7.99
CA GLY A 54 -9.64 27.40 7.70
C GLY A 54 -8.82 27.48 6.42
N LYS A 55 -8.59 26.34 5.78
CA LYS A 55 -7.75 26.27 4.59
C LYS A 55 -8.53 26.01 3.30
N THR A 56 -8.03 26.55 2.20
CA THR A 56 -8.67 26.43 0.90
C THR A 56 -8.18 25.17 0.17
N ILE A 57 -9.08 24.20 0.04
CA ILE A 57 -8.78 22.93 -0.59
C ILE A 57 -9.38 22.89 -2.00
N LYS A 58 -8.50 22.87 -3.00
CA LYS A 58 -8.92 22.70 -4.37
C LYS A 58 -9.05 21.20 -4.65
N ALA A 59 -10.29 20.75 -4.79
CA ALA A 59 -10.56 19.35 -5.08
C ALA A 59 -10.43 19.14 -6.59
N GLN A 60 -9.59 18.17 -6.96
CA GLN A 60 -9.42 17.82 -8.37
C GLN A 60 -9.99 16.43 -8.56
N ILE A 61 -11.22 16.36 -9.07
CA ILE A 61 -11.98 15.12 -9.13
C ILE A 61 -11.87 14.49 -10.52
N TRP A 62 -11.32 13.27 -10.57
CA TRP A 62 -11.12 12.57 -11.84
C TRP A 62 -12.20 11.53 -12.12
N ASP A 63 -12.43 11.27 -13.41
CA ASP A 63 -13.52 10.42 -13.86
C ASP A 63 -13.12 9.69 -15.15
N THR A 64 -13.54 8.43 -15.23
CA THR A 64 -13.32 7.58 -16.40
C THR A 64 -14.33 6.43 -16.32
N ALA A 65 -14.56 5.75 -17.42
CA ALA A 65 -15.51 4.62 -17.43
C ALA A 65 -15.02 3.54 -16.47
N GLY A 66 -15.96 2.89 -15.79
CA GLY A 66 -15.64 1.87 -14.82
C GLY A 66 -15.42 0.49 -15.43
N LEU A 67 -14.58 0.43 -16.46
CA LEU A 67 -14.27 -0.81 -17.17
C LEU A 67 -13.38 -1.71 -16.33
N GLU A 68 -13.62 -3.02 -16.42
CA GLU A 68 -12.86 -4.04 -15.69
C GLU A 68 -11.53 -4.38 -16.37
N ARG A 69 -11.50 -4.26 -17.71
CA ARG A 69 -10.34 -4.60 -18.52
C ARG A 69 -9.08 -3.81 -18.16
N TYR A 70 -7.90 -4.37 -18.50
CA TYR A 70 -6.68 -3.57 -18.47
C TYR A 70 -6.84 -2.39 -19.40
N ARG A 71 -6.40 -1.21 -18.95
CA ARG A 71 -6.45 0.00 -19.76
C ARG A 71 -5.13 0.75 -19.66
N ALA A 72 -4.71 1.33 -20.79
CA ALA A 72 -3.50 2.13 -20.84
C ALA A 72 -3.50 3.30 -19.85
N ILE A 73 -4.70 3.72 -19.44
CA ILE A 73 -4.86 4.91 -18.60
C ILE A 73 -4.81 4.64 -17.08
N THR A 74 -4.87 3.37 -16.69
CA THR A 74 -5.09 2.99 -15.29
C THR A 74 -4.03 3.50 -14.30
N SER A 75 -2.76 3.20 -14.56
CA SER A 75 -1.68 3.65 -13.66
C SER A 75 -1.67 5.17 -13.51
N ALA A 76 -1.71 5.87 -14.63
CA ALA A 76 -1.73 7.33 -14.64
C ALA A 76 -2.99 7.91 -13.96
N TYR A 77 -4.10 7.17 -14.06
CA TYR A 77 -5.37 7.58 -13.44
C TYR A 77 -5.27 7.67 -11.92
N TYR A 78 -4.71 6.64 -11.29
CA TYR A 78 -4.53 6.61 -9.84
C TYR A 78 -3.30 7.41 -9.37
N ARG A 79 -2.42 7.74 -10.30
CA ARG A 79 -1.16 8.42 -9.96
C ARG A 79 -1.41 9.72 -9.21
N GLY A 80 -0.85 9.80 -8.01
CA GLY A 80 -0.97 10.99 -7.19
C GLY A 80 -2.30 11.17 -6.48
N ALA A 81 -3.21 10.21 -6.65
CA ALA A 81 -4.53 10.30 -6.00
C ALA A 81 -4.40 10.05 -4.49
N VAL A 82 -5.03 10.94 -3.71
CA VAL A 82 -5.02 10.83 -2.25
C VAL A 82 -6.36 10.33 -1.71
N GLY A 83 -7.37 10.34 -2.58
CA GLY A 83 -8.69 9.84 -2.23
C GLY A 83 -9.33 9.07 -3.37
N ALA A 84 -10.16 8.09 -3.02
CA ALA A 84 -10.97 7.35 -3.99
C ALA A 84 -12.41 7.26 -3.52
N LEU A 85 -13.33 7.70 -4.38
CA LEU A 85 -14.75 7.47 -4.18
C LEU A 85 -15.13 6.20 -4.92
N LEU A 86 -15.36 5.13 -4.15
CA LEU A 86 -15.72 3.83 -4.71
C LEU A 86 -17.24 3.72 -4.74
N VAL A 87 -17.80 3.87 -5.94
CA VAL A 87 -19.24 4.03 -6.11
C VAL A 87 -19.92 2.74 -6.57
N TYR A 88 -21.05 2.40 -5.96
CA TYR A 88 -21.94 1.37 -6.50
C TYR A 88 -23.35 1.92 -6.63
N ASP A 89 -24.20 1.15 -7.30
CA ASP A 89 -25.60 1.50 -7.54
C ASP A 89 -26.45 0.73 -6.54
N ILE A 90 -27.15 1.44 -5.66
CA ILE A 90 -27.99 0.81 -4.63
C ILE A 90 -29.10 -0.06 -5.22
N ALA A 91 -29.45 0.20 -6.48
CA ALA A 91 -30.54 -0.51 -7.17
C ALA A 91 -30.02 -1.63 -8.09
N LYS A 92 -28.71 -1.87 -8.05
CA LYS A 92 -28.10 -2.96 -8.82
C LYS A 92 -27.09 -3.71 -7.95
N HIS A 93 -27.53 -4.87 -7.43
CA HIS A 93 -26.73 -5.63 -6.48
C HIS A 93 -25.34 -6.04 -6.99
N LEU A 94 -25.25 -6.35 -8.29
CA LEU A 94 -23.97 -6.72 -8.91
C LEU A 94 -22.86 -5.68 -8.71
N THR A 95 -23.22 -4.39 -8.81
CA THR A 95 -22.24 -3.32 -8.67
C THR A 95 -21.68 -3.25 -7.24
N TYR A 96 -22.47 -3.75 -6.29
CA TYR A 96 -22.07 -3.82 -4.89
C TYR A 96 -21.21 -5.07 -4.66
N GLU A 97 -21.59 -6.18 -5.32
CA GLU A 97 -20.80 -7.41 -5.30
C GLU A 97 -19.38 -7.16 -5.78
N ASN A 98 -19.25 -6.28 -6.78
CA ASN A 98 -17.95 -5.96 -7.39
C ASN A 98 -17.07 -4.98 -6.60
N VAL A 99 -17.54 -4.54 -5.43
CA VAL A 99 -16.74 -3.62 -4.59
C VAL A 99 -15.35 -4.16 -4.22
N GLU A 100 -15.27 -5.44 -3.84
CA GLU A 100 -13.97 -6.04 -3.50
C GLU A 100 -12.99 -6.01 -4.68
N ARG A 101 -13.52 -6.15 -5.90
CA ARG A 101 -12.71 -6.06 -7.11
C ARG A 101 -12.09 -4.67 -7.27
N TRP A 102 -12.85 -3.64 -6.93
CA TRP A 102 -12.36 -2.26 -6.94
C TRP A 102 -11.34 -1.99 -5.83
N LEU A 103 -11.55 -2.61 -4.67
CA LEU A 103 -10.56 -2.54 -3.59
C LEU A 103 -9.22 -3.14 -4.03
N LYS A 104 -9.27 -4.24 -4.79
CA LYS A 104 -8.07 -4.88 -5.32
C LYS A 104 -7.37 -3.99 -6.37
N GLU A 105 -8.14 -3.36 -7.24
CA GLU A 105 -7.56 -2.41 -8.20
C GLU A 105 -6.80 -1.28 -7.47
N LEU A 106 -7.36 -0.81 -6.34
CA LEU A 106 -6.70 0.21 -5.53
C LEU A 106 -5.35 -0.29 -4.97
N ARG A 107 -5.34 -1.52 -4.46
CA ARG A 107 -4.08 -2.11 -3.98
C ARG A 107 -3.04 -2.26 -5.08
N ASP A 108 -3.48 -2.65 -6.27
CA ASP A 108 -2.57 -2.87 -7.41
C ASP A 108 -2.07 -1.60 -8.07
N HIS A 109 -2.87 -0.53 -8.06
CA HIS A 109 -2.57 0.64 -8.89
C HIS A 109 -2.43 1.96 -8.14
N ALA A 110 -2.90 2.00 -6.88
CA ALA A 110 -2.89 3.22 -6.09
C ALA A 110 -2.08 3.14 -4.80
N ASP A 111 -1.73 4.31 -4.26
CA ASP A 111 -1.03 4.44 -3.00
C ASP A 111 -1.79 3.66 -1.91
N SER A 112 -1.07 2.85 -1.15
CA SER A 112 -1.68 2.09 -0.05
C SER A 112 -2.25 3.01 1.04
N ASN A 113 -1.86 4.28 1.01
CA ASN A 113 -2.32 5.28 1.98
C ASN A 113 -3.57 6.03 1.52
N ILE A 114 -4.07 5.68 0.32
CA ILE A 114 -5.23 6.36 -0.25
C ILE A 114 -6.46 6.28 0.66
N VAL A 115 -7.13 7.42 0.82
CA VAL A 115 -8.39 7.47 1.57
C VAL A 115 -9.51 6.93 0.70
N ILE A 116 -10.22 5.91 1.19
CA ILE A 116 -11.30 5.28 0.42
C ILE A 116 -12.66 5.48 1.09
N MET A 117 -13.60 6.04 0.34
CA MET A 117 -14.97 6.19 0.80
C MET A 117 -15.90 5.38 -0.09
N LEU A 118 -16.70 4.51 0.54
CA LEU A 118 -17.70 3.72 -0.17
C LEU A 118 -18.97 4.53 -0.37
N VAL A 119 -19.41 4.64 -1.62
CA VAL A 119 -20.57 5.46 -1.97
C VAL A 119 -21.69 4.64 -2.62
N GLY A 120 -22.82 4.55 -1.92
CA GLY A 120 -24.02 3.97 -2.49
C GLY A 120 -24.84 5.04 -3.19
N ASN A 121 -24.73 5.08 -4.52
CA ASN A 121 -25.42 6.10 -5.32
C ASN A 121 -26.81 5.65 -5.78
N LYS A 122 -27.63 6.64 -6.18
CA LYS A 122 -29.01 6.43 -6.68
C LYS A 122 -30.00 6.13 -5.54
N SER A 123 -29.80 6.78 -4.39
CA SER A 123 -30.65 6.54 -3.21
C SER A 123 -32.10 7.00 -3.43
N ASP A 124 -32.32 7.77 -4.49
CA ASP A 124 -33.67 8.17 -4.89
C ASP A 124 -34.51 6.99 -5.39
N LEU A 125 -33.85 5.92 -5.82
CA LEU A 125 -34.53 4.75 -6.37
C LEU A 125 -35.01 3.82 -5.26
N ARG A 126 -35.90 4.35 -4.42
CA ARG A 126 -36.46 3.64 -3.27
C ARG A 126 -37.12 2.32 -3.65
N HIS A 127 -37.94 2.34 -4.70
CA HIS A 127 -38.70 1.17 -5.13
C HIS A 127 -37.82 0.08 -5.76
N LEU A 128 -36.70 0.50 -6.37
CA LEU A 128 -35.81 -0.42 -7.09
C LEU A 128 -34.61 -0.89 -6.28
N ARG A 129 -34.53 -0.49 -5.00
CA ARG A 129 -33.38 -0.81 -4.15
C ARG A 129 -33.11 -2.32 -4.03
N ALA A 130 -31.84 -2.69 -4.18
CA ALA A 130 -31.39 -4.07 -4.07
C ALA A 130 -30.35 -4.25 -2.97
N VAL A 131 -29.80 -3.13 -2.51
CA VAL A 131 -28.76 -3.14 -1.47
C VAL A 131 -29.26 -2.36 -0.24
N PRO A 132 -29.68 -3.07 0.81
CA PRO A 132 -30.13 -2.43 2.06
C PRO A 132 -29.02 -1.56 2.65
N THR A 133 -29.39 -0.34 3.06
CA THR A 133 -28.43 0.63 3.60
C THR A 133 -27.65 0.03 4.77
N ASP A 134 -28.34 -0.66 5.67
CA ASP A 134 -27.71 -1.25 6.85
C ASP A 134 -26.65 -2.30 6.50
N GLU A 135 -26.87 -3.06 5.44
CA GLU A 135 -25.91 -4.08 4.99
C GLU A 135 -24.60 -3.45 4.52
N ALA A 136 -24.70 -2.46 3.63
CA ALA A 136 -23.53 -1.78 3.09
C ALA A 136 -22.76 -1.00 4.17
N ARG A 137 -23.52 -0.37 5.08
CA ARG A 137 -22.97 0.35 6.22
C ARG A 137 -22.08 -0.58 7.04
N ALA A 138 -22.61 -1.76 7.35
CA ALA A 138 -21.87 -2.80 8.09
C ALA A 138 -20.61 -3.24 7.34
N PHE A 139 -20.74 -3.43 6.02
CA PHE A 139 -19.61 -3.84 5.17
C PHE A 139 -18.48 -2.82 5.20
N ALA A 140 -18.81 -1.54 5.08
CA ALA A 140 -17.82 -0.47 5.10
C ALA A 140 -17.07 -0.45 6.42
N GLU A 141 -17.80 -0.61 7.52
CA GLU A 141 -17.23 -0.65 8.86
C GLU A 141 -16.26 -1.83 9.01
N LYS A 142 -16.70 -3.01 8.59
CA LYS A 142 -15.86 -4.21 8.62
C LYS A 142 -14.57 -4.04 7.83
N ASN A 143 -14.60 -3.21 6.78
CA ASN A 143 -13.47 -3.02 5.88
C ASN A 143 -12.68 -1.72 6.04
N GLY A 144 -13.02 -0.95 7.08
CA GLY A 144 -12.28 0.27 7.40
C GLY A 144 -12.51 1.42 6.43
N LEU A 145 -13.64 1.38 5.73
CA LEU A 145 -13.97 2.41 4.76
C LEU A 145 -15.02 3.34 5.34
N SER A 146 -14.93 4.62 5.03
CA SER A 146 -16.03 5.53 5.30
C SER A 146 -17.18 5.20 4.34
N PHE A 147 -18.40 5.59 4.70
CA PHE A 147 -19.57 5.22 3.93
C PHE A 147 -20.62 6.31 3.92
N ILE A 148 -21.26 6.48 2.75
CA ILE A 148 -22.37 7.40 2.61
C ILE A 148 -23.23 6.96 1.42
N GLU A 149 -24.53 7.22 1.49
CA GLU A 149 -25.42 7.01 0.35
C GLU A 149 -25.76 8.35 -0.29
N THR A 150 -25.74 8.40 -1.61
CA THR A 150 -25.98 9.63 -2.36
C THR A 150 -27.06 9.46 -3.42
N SER A 151 -27.58 10.60 -3.89
CA SER A 151 -28.31 10.66 -5.14
C SER A 151 -27.81 11.87 -5.92
N ALA A 152 -27.10 11.61 -7.01
CA ALA A 152 -26.68 12.68 -7.90
C ALA A 152 -27.91 13.34 -8.52
N LEU A 153 -28.97 12.56 -8.68
CA LEU A 153 -30.23 13.01 -9.27
C LEU A 153 -30.92 14.10 -8.44
N ASP A 154 -31.19 13.81 -7.17
CA ASP A 154 -31.90 14.77 -6.30
C ASP A 154 -30.97 15.56 -5.37
N SER A 155 -29.66 15.28 -5.47
CA SER A 155 -28.58 15.99 -4.75
C SER A 155 -28.28 15.49 -3.34
N THR A 156 -29.11 14.58 -2.82
CA THR A 156 -28.99 14.11 -1.43
C THR A 156 -27.58 13.60 -1.11
N ASN A 157 -26.97 14.19 -0.08
CA ASN A 157 -25.65 13.78 0.43
C ASN A 157 -24.45 13.95 -0.50
N VAL A 158 -24.65 14.53 -1.68
CA VAL A 158 -23.54 14.73 -2.63
C VAL A 158 -22.49 15.67 -2.07
N GLU A 159 -22.92 16.84 -1.61
CA GLU A 159 -22.06 17.80 -0.91
C GLU A 159 -21.37 17.16 0.28
N ALA A 160 -22.16 16.47 1.11
CA ALA A 160 -21.64 15.79 2.30
C ALA A 160 -20.57 14.74 1.96
N ALA A 161 -20.82 13.98 0.89
CA ALA A 161 -19.88 12.95 0.44
C ALA A 161 -18.49 13.51 0.16
N PHE A 162 -18.44 14.53 -0.71
CA PHE A 162 -17.17 15.15 -1.07
C PHE A 162 -16.54 15.88 0.11
N GLN A 163 -17.36 16.58 0.89
CA GLN A 163 -16.88 17.30 2.07
C GLN A 163 -16.18 16.33 3.03
N THR A 164 -16.81 15.18 3.25
CA THR A 164 -16.32 14.18 4.19
C THR A 164 -14.98 13.60 3.76
N ILE A 165 -14.89 13.16 2.51
CA ILE A 165 -13.63 12.57 2.01
C ILE A 165 -12.49 13.58 1.99
N LEU A 166 -12.77 14.79 1.53
CA LEU A 166 -11.74 15.84 1.45
C LEU A 166 -11.25 16.24 2.83
N THR A 167 -12.16 16.25 3.80
CA THR A 167 -11.81 16.55 5.19
C THR A 167 -10.96 15.43 5.80
N GLU A 168 -11.29 14.17 5.50
CA GLU A 168 -10.46 13.05 5.97
C GLU A 168 -9.04 13.14 5.39
N ILE A 169 -8.95 13.41 4.08
CA ILE A 169 -7.66 13.56 3.41
C ILE A 169 -6.83 14.68 4.06
N TYR A 170 -7.46 15.83 4.30
CA TYR A 170 -6.78 16.95 4.92
C TYR A 170 -6.20 16.62 6.30
N ARG A 171 -6.95 15.83 7.08
CA ARG A 171 -6.59 15.53 8.47
C ARG A 171 -5.70 14.30 8.62
N ILE A 172 -5.47 13.59 7.51
CA ILE A 172 -4.63 12.40 7.50
C ILE A 172 -3.15 12.76 7.55
N ALA B 11 -49.26 -19.43 -28.49
CA ALA B 11 -48.99 -20.89 -28.65
C ALA B 11 -47.50 -21.16 -28.79
N PHE B 12 -47.13 -22.43 -28.64
CA PHE B 12 -45.73 -22.86 -28.63
C PHE B 12 -44.96 -22.50 -29.92
N SER B 13 -45.54 -22.82 -31.08
CA SER B 13 -44.88 -22.59 -32.37
C SER B 13 -44.62 -21.10 -32.63
N GLU B 14 -45.50 -20.25 -32.11
CA GLU B 14 -45.34 -18.80 -32.18
C GLU B 14 -44.23 -18.30 -31.25
N SER B 15 -44.19 -18.85 -30.04
CA SER B 15 -43.18 -18.50 -29.05
C SER B 15 -41.79 -19.00 -29.48
N LEU B 16 -41.76 -20.16 -30.15
CA LEU B 16 -40.53 -20.72 -30.70
C LEU B 16 -40.02 -19.91 -31.90
N ALA B 17 -40.94 -19.50 -32.78
CA ALA B 17 -40.58 -18.75 -33.99
C ALA B 17 -39.85 -17.45 -33.67
N ALA B 18 -40.31 -16.76 -32.63
CA ALA B 18 -39.73 -15.48 -32.21
C ALA B 18 -38.29 -15.63 -31.70
N GLU B 19 -37.91 -16.86 -31.36
CA GLU B 19 -36.57 -17.14 -30.85
C GLU B 19 -35.61 -17.69 -31.90
N ILE B 20 -36.09 -17.85 -33.13
CA ILE B 20 -35.26 -18.35 -34.21
C ILE B 20 -34.90 -17.24 -35.19
N SER B 21 -33.60 -16.91 -35.24
CA SER B 21 -33.09 -15.92 -36.18
C SER B 21 -32.95 -16.54 -37.57
N SER B 22 -33.05 -15.70 -38.60
CA SER B 22 -32.79 -16.12 -39.98
C SER B 22 -31.31 -16.48 -40.17
N VAL B 23 -30.46 -15.89 -39.33
CA VAL B 23 -29.03 -16.13 -39.37
C VAL B 23 -28.69 -17.29 -38.43
N SER B 24 -27.76 -18.15 -38.87
CA SER B 24 -27.25 -19.23 -38.03
C SER B 24 -26.56 -18.68 -36.78
N ARG B 25 -26.73 -19.38 -35.65
CA ARG B 25 -26.15 -18.97 -34.38
C ARG B 25 -24.61 -18.92 -34.41
N ASP B 26 -24.01 -19.74 -35.26
CA ASP B 26 -22.56 -19.71 -35.49
C ASP B 26 -22.13 -18.38 -36.10
N GLU B 27 -22.92 -17.90 -37.06
CA GLU B 27 -22.67 -16.61 -37.70
C GLU B 27 -22.96 -15.45 -36.75
N LEU B 28 -24.01 -15.60 -35.95
CA LEU B 28 -24.36 -14.60 -34.93
C LEU B 28 -23.28 -14.47 -33.87
N MET B 29 -22.69 -15.59 -33.49
CA MET B 29 -21.57 -15.62 -32.53
C MET B 29 -20.32 -14.96 -33.12
N GLU B 30 -20.05 -15.23 -34.39
CA GLU B 30 -18.92 -14.61 -35.09
C GLU B 30 -19.06 -13.08 -35.16
N ALA B 31 -20.30 -12.61 -35.34
CA ALA B 31 -20.60 -11.19 -35.36
C ALA B 31 -20.39 -10.54 -33.98
N ILE B 32 -20.69 -11.28 -32.92
CA ILE B 32 -20.46 -10.84 -31.54
C ILE B 32 -18.96 -10.65 -31.29
N GLN B 33 -18.17 -11.65 -31.64
CA GLN B 33 -16.72 -11.62 -31.43
C GLN B 33 -16.06 -10.51 -32.24
N LYS B 34 -16.49 -10.33 -33.48
CA LYS B 34 -15.97 -9.28 -34.36
C LYS B 34 -16.21 -7.88 -33.77
N GLN B 35 -17.42 -7.65 -33.26
CA GLN B 35 -17.79 -6.37 -32.66
C GLN B 35 -17.10 -6.11 -31.32
N GLU B 36 -16.92 -7.16 -30.52
CA GLU B 36 -16.19 -7.03 -29.26
C GLU B 36 -14.72 -6.72 -29.50
N GLU B 37 -14.12 -7.37 -30.50
CA GLU B 37 -12.75 -7.10 -30.90
C GLU B 37 -12.55 -5.64 -31.30
N ILE B 38 -13.46 -5.13 -32.14
CA ILE B 38 -13.36 -3.73 -32.58
C ILE B 38 -13.51 -2.76 -31.40
N ASN B 39 -14.52 -2.97 -30.54
CA ASN B 39 -14.70 -2.15 -29.33
C ASN B 39 -13.43 -2.08 -28.50
N PHE B 40 -12.84 -3.24 -28.24
CA PHE B 40 -11.63 -3.33 -27.43
C PHE B 40 -10.43 -2.66 -28.10
N ARG B 41 -10.34 -2.80 -29.42
CA ARG B 41 -9.27 -2.14 -30.18
C ARG B 41 -9.43 -0.62 -30.18
N LEU B 42 -10.66 -0.15 -30.35
CA LEU B 42 -10.94 1.28 -30.37
C LEU B 42 -10.72 1.92 -28.99
N GLN B 43 -11.20 1.25 -27.94
CA GLN B 43 -11.01 1.77 -26.59
C GLN B 43 -9.52 1.82 -26.25
N ASP B 44 -8.77 0.80 -26.64
CA ASP B 44 -7.32 0.79 -26.42
C ASP B 44 -6.62 1.92 -27.17
N TYR B 45 -7.00 2.12 -28.43
CA TYR B 45 -6.47 3.20 -29.25
C TYR B 45 -6.70 4.56 -28.56
N ILE B 46 -7.92 4.75 -28.07
CA ILE B 46 -8.29 5.96 -27.32
C ILE B 46 -7.48 6.09 -26.02
N ASP B 47 -7.38 5.01 -25.25
CA ASP B 47 -6.65 5.02 -23.97
C ASP B 47 -5.16 5.35 -24.14
N ARG B 48 -4.58 4.88 -25.25
CA ARG B 48 -3.19 5.18 -25.58
C ARG B 48 -2.97 6.67 -25.86
N ILE B 49 -3.95 7.30 -26.53
CA ILE B 49 -3.92 8.73 -26.77
C ILE B 49 -4.04 9.48 -25.44
N ILE B 50 -5.00 9.06 -24.62
CA ILE B 50 -5.29 9.75 -23.36
C ILE B 50 -4.11 9.65 -22.38
N VAL B 51 -3.50 8.47 -22.26
CA VAL B 51 -2.36 8.35 -21.34
C VAL B 51 -1.17 9.23 -21.78
N ALA B 52 -0.98 9.36 -23.08
CA ALA B 52 0.04 10.27 -23.64
C ALA B 52 -0.20 11.72 -23.17
N ILE B 53 -1.45 12.14 -23.19
CA ILE B 53 -1.85 13.48 -22.74
C ILE B 53 -1.69 13.61 -21.22
N MET B 54 -2.11 12.57 -20.50
CA MET B 54 -1.98 12.54 -19.04
C MET B 54 -0.53 12.75 -18.59
N GLU B 55 0.40 12.23 -19.39
CA GLU B 55 1.82 12.26 -19.03
C GLU B 55 2.59 13.40 -19.70
N THR B 56 1.89 14.27 -20.42
CA THR B 56 2.52 15.46 -21.02
C THR B 56 1.85 16.74 -20.53
N ASN B 57 0.59 16.94 -20.92
CA ASN B 57 -0.19 18.11 -20.50
C ASN B 57 -1.59 17.68 -20.07
N PRO B 58 -1.72 17.16 -18.83
CA PRO B 58 -3.02 16.71 -18.34
C PRO B 58 -4.09 17.80 -18.21
N SER B 59 -3.70 19.08 -18.25
CA SER B 59 -4.65 20.19 -18.22
C SER B 59 -5.67 20.14 -19.37
N ILE B 60 -5.26 19.52 -20.49
CA ILE B 60 -6.13 19.29 -21.65
C ILE B 60 -7.39 18.52 -21.28
N LEU B 61 -7.30 17.72 -20.22
CA LEU B 61 -8.40 16.85 -19.80
C LEU B 61 -9.42 17.51 -18.88
N GLU B 62 -9.17 18.74 -18.47
CA GLU B 62 -10.08 19.44 -17.56
C GLU B 62 -11.40 19.80 -18.23
N VAL B 63 -12.50 19.53 -17.54
CA VAL B 63 -13.81 20.02 -17.93
C VAL B 63 -13.97 21.40 -17.30
N LYS B 64 -13.80 22.43 -18.12
CA LYS B 64 -13.78 23.82 -17.66
C LYS B 64 -15.17 24.44 -17.70
N GLU C 4 12.37 28.90 23.96
CA GLU C 4 13.37 28.81 25.05
C GLU C 4 12.79 28.03 26.22
N TYR C 5 13.63 27.28 26.90
CA TYR C 5 13.19 26.44 28.01
C TYR C 5 14.27 26.37 29.07
N ASP C 6 13.86 26.07 30.29
CA ASP C 6 14.81 25.92 31.39
C ASP C 6 15.40 24.52 31.38
N TYR C 7 14.56 23.52 31.10
CA TYR C 7 14.99 22.13 31.02
C TYR C 7 14.31 21.38 29.88
N LEU C 8 15.02 20.40 29.35
CA LEU C 8 14.50 19.50 28.32
C LEU C 8 14.46 18.09 28.88
N PHE C 9 13.26 17.52 28.98
CA PHE C 9 13.09 16.17 29.51
C PHE C 9 12.66 15.19 28.42
N LYS C 10 13.49 14.17 28.18
CA LYS C 10 13.14 13.09 27.26
C LYS C 10 12.30 12.03 27.98
N VAL C 11 11.08 11.81 27.48
CA VAL C 11 10.14 10.85 28.06
C VAL C 11 9.72 9.86 26.97
N VAL C 12 9.81 8.57 27.27
CA VAL C 12 9.46 7.54 26.30
C VAL C 12 8.11 6.91 26.61
N LEU C 13 7.40 6.54 25.55
CA LEU C 13 6.16 5.79 25.68
C LEU C 13 6.44 4.31 25.42
N ILE C 14 6.01 3.46 26.35
CA ILE C 14 6.16 2.02 26.22
C ILE C 14 4.86 1.32 26.66
N GLY C 15 4.74 0.05 26.33
CA GLY C 15 3.52 -0.71 26.56
C GLY C 15 3.15 -1.48 25.32
N ASP C 16 2.29 -2.49 25.49
CA ASP C 16 1.90 -3.39 24.40
C ASP C 16 1.35 -2.66 23.18
N SER C 17 1.50 -3.27 22.00
CA SER C 17 0.87 -2.76 20.79
C SER C 17 -0.63 -2.62 21.01
N GLY C 18 -1.18 -1.49 20.57
CA GLY C 18 -2.62 -1.28 20.61
C GLY C 18 -3.16 -0.58 21.85
N VAL C 19 -2.31 -0.30 22.84
CA VAL C 19 -2.78 0.33 24.09
C VAL C 19 -3.11 1.82 23.94
N GLY C 20 -2.58 2.45 22.91
CA GLY C 20 -2.87 3.86 22.63
C GLY C 20 -1.71 4.83 22.82
N LYS C 21 -0.47 4.32 22.81
CA LYS C 21 0.71 5.16 22.95
C LYS C 21 0.74 6.32 21.94
N SER C 22 0.55 6.03 20.66
CA SER C 22 0.64 7.06 19.61
C SER C 22 -0.48 8.09 19.70
N ASN C 23 -1.65 7.65 20.16
CA ASN C 23 -2.77 8.56 20.34
C ASN C 23 -2.62 9.43 21.58
N LEU C 24 -1.94 8.91 22.60
CA LEU C 24 -1.55 9.76 23.73
C LEU C 24 -0.59 10.85 23.25
N LEU C 25 0.34 10.47 22.39
CA LEU C 25 1.29 11.44 21.79
C LEU C 25 0.55 12.48 20.95
N SER C 26 -0.31 12.02 20.04
CA SER C 26 -1.04 12.93 19.16
C SER C 26 -2.01 13.84 19.92
N ARG C 27 -2.64 13.32 20.97
CA ARG C 27 -3.57 14.12 21.78
C ARG C 27 -2.81 15.20 22.56
N PHE C 28 -1.71 14.81 23.20
CA PHE C 28 -0.92 15.75 24.00
C PHE C 28 -0.26 16.83 23.16
N THR C 29 0.28 16.45 21.99
CA THR C 29 1.10 17.37 21.21
C THR C 29 0.36 18.06 20.06
N ARG C 30 -0.74 17.46 19.59
CA ARG C 30 -1.47 17.99 18.43
C ARG C 30 -2.97 18.16 18.67
N ASN C 31 -3.45 17.75 19.84
CA ASN C 31 -4.89 17.66 20.13
C ASN C 31 -5.61 16.85 19.04
N GLU C 32 -4.99 15.73 18.65
CA GLU C 32 -5.53 14.89 17.59
C GLU C 32 -5.65 13.44 18.03
N PHE C 33 -6.64 12.76 17.48
CA PHE C 33 -6.88 11.35 17.76
C PHE C 33 -7.37 10.67 16.50
N ASN C 34 -6.90 9.44 16.27
CA ASN C 34 -7.31 8.65 15.11
C ASN C 34 -7.75 7.25 15.53
N LEU C 35 -9.05 6.99 15.43
CA LEU C 35 -9.61 5.67 15.75
C LEU C 35 -9.00 4.56 14.88
N GLU C 36 -8.56 4.92 13.68
CA GLU C 36 -8.02 3.95 12.74
C GLU C 36 -6.49 3.95 12.63
N SER C 37 -5.82 4.49 13.66
CA SER C 37 -4.36 4.51 13.68
C SER C 37 -3.81 3.08 13.63
N LYS C 38 -2.71 2.90 12.91
CA LYS C 38 -2.09 1.58 12.77
C LYS C 38 -0.76 1.54 13.52
N SER C 39 -0.19 0.34 13.64
CA SER C 39 1.05 0.16 14.41
C SER C 39 2.16 1.10 13.93
N THR C 40 2.88 1.69 14.89
CA THR C 40 3.96 2.62 14.57
C THR C 40 5.10 1.90 13.87
N ILE C 41 5.47 2.39 12.69
CA ILE C 41 6.50 1.75 11.86
C ILE C 41 7.91 2.07 12.33
N GLY C 42 8.19 3.35 12.57
CA GLY C 42 9.54 3.78 12.91
C GLY C 42 9.70 4.22 14.36
N VAL C 43 10.46 5.29 14.55
CA VAL C 43 10.60 5.95 15.84
C VAL C 43 10.44 7.44 15.57
N GLU C 44 9.64 8.10 16.40
CA GLU C 44 9.48 9.55 16.28
C GLU C 44 9.27 10.19 17.64
N PHE C 45 9.24 11.52 17.65
CA PHE C 45 8.94 12.28 18.85
C PHE C 45 8.21 13.58 18.53
N ALA C 46 7.53 14.12 19.53
CA ALA C 46 6.92 15.43 19.41
C ALA C 46 7.03 16.14 20.75
N THR C 47 6.91 17.46 20.72
CA THR C 47 7.25 18.30 21.86
C THR C 47 6.10 19.18 22.34
N ARG C 48 6.19 19.57 23.61
CA ARG C 48 5.32 20.58 24.21
C ARG C 48 6.14 21.39 25.19
N SER C 49 5.75 22.66 25.39
CA SER C 49 6.31 23.49 26.46
C SER C 49 5.31 23.52 27.62
N ILE C 50 5.79 23.11 28.80
CA ILE C 50 4.94 22.84 29.96
C ILE C 50 5.53 23.52 31.19
N GLN C 51 4.70 24.24 31.94
CA GLN C 51 5.13 24.86 33.22
C GLN C 51 5.15 23.84 34.35
N VAL C 52 6.30 23.70 34.99
CA VAL C 52 6.48 22.78 36.12
C VAL C 52 7.20 23.49 37.25
N ASP C 53 6.52 23.60 38.40
CA ASP C 53 7.05 24.29 39.58
C ASP C 53 7.70 25.65 39.24
N GLY C 54 7.02 26.44 38.41
CA GLY C 54 7.52 27.76 38.03
C GLY C 54 8.58 27.81 36.94
N LYS C 55 8.93 26.65 36.36
CA LYS C 55 9.92 26.56 35.30
C LYS C 55 9.30 26.10 33.99
N THR C 56 9.91 26.48 32.87
CA THR C 56 9.46 26.04 31.55
C THR C 56 10.19 24.78 31.08
N ILE C 57 9.43 23.71 30.92
CA ILE C 57 9.97 22.42 30.52
C ILE C 57 9.60 22.12 29.07
N LYS C 58 10.60 21.83 28.24
CA LYS C 58 10.33 21.27 26.92
C LYS C 58 10.22 19.75 27.07
N ALA C 59 8.99 19.26 27.00
CA ALA C 59 8.72 17.84 27.08
C ALA C 59 8.95 17.22 25.71
N GLN C 60 9.91 16.30 25.63
CA GLN C 60 10.27 15.65 24.39
C GLN C 60 9.80 14.21 24.47
N ILE C 61 8.68 13.92 23.82
CA ILE C 61 7.98 12.65 23.99
C ILE C 61 8.23 11.72 22.82
N TRP C 62 8.88 10.59 23.11
CA TRP C 62 9.24 9.61 22.09
C TRP C 62 8.23 8.48 22.01
N ASP C 63 8.13 7.89 20.81
CA ASP C 63 7.15 6.89 20.49
C ASP C 63 7.72 5.88 19.49
N THR C 64 7.37 4.62 19.70
CA THR C 64 7.70 3.53 18.78
C THR C 64 6.71 2.41 19.06
N ALA C 65 6.60 1.44 18.13
CA ALA C 65 5.75 0.28 18.37
C ALA C 65 6.22 -0.48 19.61
N GLY C 66 5.26 -0.99 20.37
CA GLY C 66 5.53 -1.71 21.61
C GLY C 66 5.82 -3.18 21.36
N LEU C 67 6.78 -3.43 20.47
CA LEU C 67 7.20 -4.78 20.12
C LEU C 67 8.05 -5.37 21.23
N GLU C 68 7.84 -6.65 21.51
CA GLU C 68 8.60 -7.37 22.54
C GLU C 68 9.98 -7.75 22.05
N ARG C 69 10.10 -8.00 20.74
CA ARG C 69 11.35 -8.47 20.12
C ARG C 69 12.54 -7.55 20.37
N TYR C 70 13.74 -8.15 20.34
CA TYR C 70 14.98 -7.38 20.34
C TYR C 70 15.03 -6.50 19.10
N ARG C 71 15.33 -5.22 19.29
CA ARG C 71 15.36 -4.26 18.18
C ARG C 71 16.64 -3.45 18.14
N ALA C 72 17.04 -3.07 16.94
CA ALA C 72 18.21 -2.23 16.73
C ALA C 72 18.08 -0.85 17.37
N ILE C 73 16.83 -0.39 17.55
CA ILE C 73 16.55 0.95 18.06
C ILE C 73 16.41 1.07 19.58
N THR C 74 16.37 -0.08 20.26
CA THR C 74 16.06 -0.14 21.70
C THR C 74 16.99 0.70 22.58
N SER C 75 18.30 0.52 22.41
CA SER C 75 19.30 1.23 23.21
C SER C 75 19.18 2.75 23.06
N ALA C 76 19.17 3.22 21.81
CA ALA C 76 19.03 4.64 21.50
C ALA C 76 17.71 5.20 22.00
N TYR C 77 16.66 4.37 21.95
CA TYR C 77 15.32 4.79 22.39
C TYR C 77 15.31 5.20 23.85
N TYR C 78 15.87 4.36 24.71
CA TYR C 78 15.93 4.63 26.15
C TYR C 78 17.04 5.59 26.57
N ARG C 79 18.04 5.77 25.70
CA ARG C 79 19.20 6.61 25.99
C ARG C 79 18.82 8.05 26.31
N GLY C 80 19.17 8.50 27.51
CA GLY C 80 18.90 9.86 27.95
C GLY C 80 17.48 10.09 28.44
N ALA C 81 16.65 9.04 28.39
CA ALA C 81 15.26 9.14 28.84
C ALA C 81 15.22 9.23 30.36
N VAL C 82 14.55 10.28 30.86
CA VAL C 82 14.43 10.52 32.30
C VAL C 82 13.04 10.14 32.82
N GLY C 83 12.12 9.88 31.90
CA GLY C 83 10.78 9.42 32.23
C GLY C 83 10.27 8.38 31.26
N ALA C 84 9.38 7.53 31.75
CA ALA C 84 8.67 6.56 30.92
C ALA C 84 7.20 6.51 31.29
N LEU C 85 6.35 6.64 30.28
CA LEU C 85 4.93 6.37 30.46
C LEU C 85 4.70 4.92 30.04
N LEU C 86 4.35 4.10 31.03
CA LEU C 86 4.10 2.68 30.81
C LEU C 86 2.60 2.47 30.68
N VAL C 87 2.16 2.31 29.44
CA VAL C 87 0.74 2.34 29.11
C VAL C 87 0.14 0.95 28.95
N TYR C 88 -1.07 0.77 29.50
CA TYR C 88 -1.88 -0.40 29.21
C TYR C 88 -3.29 0.04 28.80
N ASP C 89 -4.09 -0.92 28.35
CA ASP C 89 -5.47 -0.71 27.92
C ASP C 89 -6.38 -1.24 29.03
N ILE C 90 -7.14 -0.34 29.67
CA ILE C 90 -8.01 -0.74 30.79
C ILE C 90 -9.05 -1.78 30.39
N ALA C 91 -9.34 -1.86 29.09
CA ALA C 91 -10.32 -2.80 28.55
C ALA C 91 -9.69 -4.12 28.05
N LYS C 92 -8.37 -4.25 28.19
CA LYS C 92 -7.68 -5.46 27.75
C LYS C 92 -6.68 -5.94 28.80
N HIS C 93 -7.08 -6.96 29.57
CA HIS C 93 -6.32 -7.41 30.73
C HIS C 93 -4.90 -7.89 30.42
N LEU C 94 -4.70 -8.46 29.22
CA LEU C 94 -3.38 -8.94 28.81
C LEU C 94 -2.33 -7.82 28.80
N THR C 95 -2.73 -6.62 28.37
CA THR C 95 -1.82 -5.48 28.32
C THR C 95 -1.38 -5.05 29.72
N TYR C 96 -2.24 -5.29 30.71
CA TYR C 96 -1.92 -5.08 32.11
C TYR C 96 -1.05 -6.23 32.67
N GLU C 97 -1.35 -7.45 32.26
CA GLU C 97 -0.54 -8.62 32.65
C GLU C 97 0.91 -8.43 32.21
N ASN C 98 1.10 -7.80 31.05
CA ASN C 98 2.44 -7.59 30.48
C ASN C 98 3.21 -6.41 31.06
N VAL C 99 2.62 -5.69 32.02
CA VAL C 99 3.28 -4.54 32.66
C VAL C 99 4.61 -4.96 33.30
N GLU C 100 4.62 -6.12 33.96
CA GLU C 100 5.84 -6.67 34.56
C GLU C 100 6.97 -6.83 33.54
N ARG C 101 6.63 -7.31 32.35
CA ARG C 101 7.60 -7.48 31.27
C ARG C 101 8.22 -6.14 30.84
N TRP C 102 7.40 -5.10 30.83
CA TRP C 102 7.87 -3.74 30.49
C TRP C 102 8.73 -3.12 31.61
N LEU C 103 8.40 -3.44 32.86
CA LEU C 103 9.24 -3.00 33.98
C LEU C 103 10.64 -3.63 33.89
N LYS C 104 10.70 -4.90 33.51
CA LYS C 104 11.97 -5.59 33.30
C LYS C 104 12.75 -4.95 32.15
N GLU C 105 12.05 -4.64 31.06
CA GLU C 105 12.65 -3.94 29.92
C GLU C 105 13.33 -2.65 30.35
N LEU C 106 12.65 -1.87 31.20
CA LEU C 106 13.20 -0.63 31.73
C LEU C 106 14.44 -0.87 32.60
N ARG C 107 14.41 -1.91 33.43
CA ARG C 107 15.58 -2.27 34.24
C ARG C 107 16.78 -2.63 33.36
N ASP C 108 16.50 -3.37 32.29
CA ASP C 108 17.56 -3.91 31.42
C ASP C 108 18.13 -2.88 30.44
N HIS C 109 17.32 -1.91 30.02
CA HIS C 109 17.72 -1.00 28.94
C HIS C 109 17.69 0.48 29.27
N ALA C 110 17.05 0.86 30.37
CA ALA C 110 16.94 2.27 30.74
C ALA C 110 17.72 2.58 32.03
N ASP C 111 17.91 3.87 32.28
CA ASP C 111 18.56 4.34 33.51
C ASP C 111 17.79 3.88 34.74
N SER C 112 18.50 3.43 35.78
CA SER C 112 17.87 2.88 36.98
C SER C 112 16.92 3.84 37.69
N ASN C 113 17.16 5.14 37.53
CA ASN C 113 16.34 6.17 38.17
C ASN C 113 15.31 6.84 37.25
N ILE C 114 15.07 6.24 36.10
CA ILE C 114 14.01 6.69 35.21
C ILE C 114 12.68 6.73 35.98
N VAL C 115 11.99 7.85 35.87
CA VAL C 115 10.71 8.04 36.52
C VAL C 115 9.65 7.34 35.69
N ILE C 116 8.88 6.46 36.34
CA ILE C 116 7.86 5.67 35.65
C ILE C 116 6.45 6.00 36.11
N MET C 117 5.57 6.29 35.15
CA MET C 117 4.15 6.46 35.41
C MET C 117 3.37 5.34 34.73
N LEU C 118 2.63 4.58 35.54
CA LEU C 118 1.71 3.56 35.03
C LEU C 118 0.44 4.24 34.54
N VAL C 119 0.11 4.05 33.26
CA VAL C 119 -1.04 4.73 32.66
C VAL C 119 -2.08 3.72 32.15
N GLY C 120 -3.27 3.77 32.73
CA GLY C 120 -4.40 2.98 32.25
C GLY C 120 -5.15 3.80 31.24
N ASN C 121 -4.87 3.57 29.95
CA ASN C 121 -5.50 4.33 28.86
C ASN C 121 -6.85 3.72 28.44
N LYS C 122 -7.61 4.49 27.65
CA LYS C 122 -8.93 4.11 27.13
C LYS C 122 -10.01 4.13 28.21
N SER C 123 -9.94 5.13 29.10
CA SER C 123 -10.92 5.27 30.18
C SER C 123 -12.33 5.56 29.67
N ASP C 124 -12.44 5.98 28.41
CA ASP C 124 -13.75 6.10 27.74
C ASP C 124 -14.38 4.73 27.49
N LEU C 125 -13.58 3.67 27.65
CA LEU C 125 -14.07 2.30 27.55
C LEU C 125 -14.30 1.67 28.93
N ARG C 126 -14.57 2.51 29.93
CA ARG C 126 -14.86 2.06 31.30
C ARG C 126 -15.99 1.04 31.37
N HIS C 127 -16.94 1.12 30.43
CA HIS C 127 -18.02 0.14 30.37
C HIS C 127 -17.53 -1.27 30.03
N LEU C 128 -16.34 -1.34 29.40
CA LEU C 128 -15.69 -2.59 29.03
C LEU C 128 -14.47 -2.88 29.91
N ARG C 129 -14.38 -2.21 31.05
CA ARG C 129 -13.20 -2.33 31.93
C ARG C 129 -12.86 -3.78 32.31
N ALA C 130 -11.57 -4.11 32.16
CA ALA C 130 -11.05 -5.42 32.56
C ALA C 130 -9.98 -5.28 33.65
N VAL C 131 -9.50 -4.05 33.86
CA VAL C 131 -8.50 -3.78 34.89
C VAL C 131 -9.07 -2.81 35.92
N PRO C 132 -9.42 -3.32 37.12
CA PRO C 132 -9.93 -2.45 38.18
C PRO C 132 -8.91 -1.39 38.59
N THR C 133 -9.38 -0.16 38.82
CA THR C 133 -8.51 0.95 39.16
C THR C 133 -7.77 0.72 40.48
N ASP C 134 -8.48 0.21 41.50
CA ASP C 134 -7.85 -0.03 42.80
C ASP C 134 -6.68 -1.00 42.72
N GLU C 135 -6.82 -2.04 41.90
CA GLU C 135 -5.77 -3.04 41.73
C GLU C 135 -4.54 -2.42 41.06
N ALA C 136 -4.77 -1.63 40.02
CA ALA C 136 -3.69 -0.99 39.28
C ALA C 136 -2.98 0.06 40.15
N ARG C 137 -3.75 0.83 40.91
CA ARG C 137 -3.22 1.79 41.88
C ARG C 137 -2.25 1.12 42.85
N ALA C 138 -2.70 0.01 43.43
CA ALA C 138 -1.94 -0.74 44.41
C ALA C 138 -0.66 -1.31 43.83
N PHE C 139 -0.74 -1.82 42.60
CA PHE C 139 0.45 -2.33 41.89
C PHE C 139 1.47 -1.22 41.66
N ALA C 140 0.98 -0.07 41.21
CA ALA C 140 1.84 1.09 40.95
C ALA C 140 2.62 1.50 42.20
N GLU C 141 1.91 1.73 43.31
CA GLU C 141 2.55 2.17 44.56
C GLU C 141 3.56 1.15 45.10
N LYS C 142 3.21 -0.13 44.99
CA LYS C 142 4.10 -1.22 45.39
C LYS C 142 5.42 -1.20 44.60
N ASN C 143 5.34 -0.77 43.34
CA ASN C 143 6.51 -0.77 42.46
C ASN C 143 7.17 0.59 42.25
N GLY C 144 6.79 1.58 43.06
CA GLY C 144 7.39 2.92 43.00
C GLY C 144 7.06 3.68 41.73
N LEU C 145 5.85 3.45 41.22
CA LEU C 145 5.37 4.10 40.02
C LEU C 145 4.23 5.04 40.37
N SER C 146 4.12 6.16 39.66
CA SER C 146 2.92 6.98 39.75
C SER C 146 1.82 6.32 38.92
N PHE C 147 0.60 6.81 39.07
CA PHE C 147 -0.55 6.21 38.38
C PHE C 147 -1.60 7.24 37.97
N ILE C 148 -2.15 7.04 36.78
CA ILE C 148 -3.31 7.81 36.30
C ILE C 148 -4.05 6.99 35.23
N GLU C 149 -5.36 7.23 35.11
CA GLU C 149 -6.12 6.69 33.99
C GLU C 149 -6.43 7.80 33.00
N THR C 150 -6.25 7.50 31.71
CA THR C 150 -6.40 8.49 30.65
C THR C 150 -7.36 8.00 29.58
N SER C 151 -7.83 8.94 28.76
CA SER C 151 -8.47 8.61 27.49
C SER C 151 -7.89 9.53 26.42
N ALA C 152 -7.16 8.97 25.47
CA ALA C 152 -6.69 9.74 24.32
C ALA C 152 -7.87 10.19 23.47
N LEU C 153 -8.94 9.39 23.49
CA LEU C 153 -10.14 9.66 22.69
C LEU C 153 -10.89 10.91 23.16
N ASP C 154 -11.23 10.97 24.44
CA ASP C 154 -12.01 12.09 24.98
C ASP C 154 -11.17 13.11 25.75
N SER C 155 -9.86 12.92 25.76
CA SER C 155 -8.87 13.85 26.34
C SER C 155 -8.63 13.73 27.86
N THR C 156 -9.50 13.01 28.58
CA THR C 156 -9.45 12.99 30.04
C THR C 156 -8.07 12.61 30.58
N ASN C 157 -7.51 13.50 31.40
CA ASN C 157 -6.27 13.25 32.14
C ASN C 157 -4.98 13.17 31.32
N VAL C 158 -5.08 13.43 30.02
CA VAL C 158 -3.90 13.37 29.16
C VAL C 158 -2.89 14.46 29.52
N GLU C 159 -3.36 15.72 29.59
CA GLU C 159 -2.49 16.81 30.01
C GLU C 159 -1.95 16.57 31.42
N ALA C 160 -2.82 16.08 32.32
CA ALA C 160 -2.46 15.80 33.71
C ALA C 160 -1.42 14.68 33.85
N ALA C 161 -1.54 13.64 33.02
CA ALA C 161 -0.58 12.55 33.00
C ALA C 161 0.83 13.08 32.73
N PHE C 162 0.96 13.85 31.65
CA PHE C 162 2.25 14.40 31.25
C PHE C 162 2.76 15.43 32.26
N GLN C 163 1.88 16.34 32.68
CA GLN C 163 2.22 17.31 33.74
C GLN C 163 2.80 16.62 34.97
N THR C 164 2.16 15.54 35.40
CA THR C 164 2.56 14.81 36.62
C THR C 164 3.94 14.19 36.47
N ILE C 165 4.17 13.46 35.37
CA ILE C 165 5.48 12.81 35.19
C ILE C 165 6.62 13.84 35.05
N LEU C 166 6.35 14.95 34.37
CA LEU C 166 7.33 16.03 34.25
C LEU C 166 7.64 16.67 35.60
N THR C 167 6.61 16.77 36.45
CA THR C 167 6.76 17.27 37.81
C THR C 167 7.67 16.33 38.63
N GLU C 168 7.40 15.03 38.54
CA GLU C 168 8.21 14.04 39.26
C GLU C 168 9.68 14.05 38.81
N ILE C 169 9.90 14.14 37.50
CA ILE C 169 11.26 14.24 36.95
C ILE C 169 11.96 15.50 37.47
N TYR C 170 11.26 16.63 37.42
CA TYR C 170 11.84 17.90 37.85
C TYR C 170 12.28 17.88 39.32
N ARG C 171 11.48 17.22 40.16
CA ARG C 171 11.71 17.21 41.60
C ARG C 171 12.77 16.20 42.06
N ILE C 172 13.20 15.33 41.16
CA ILE C 172 14.11 14.22 41.51
C ILE C 172 15.53 14.67 41.79
N THR D 10 -28.77 -26.08 -1.58
CA THR D 10 -27.47 -26.58 -2.13
C THR D 10 -26.26 -26.03 -1.36
N ALA D 11 -26.48 -24.96 -0.61
CA ALA D 11 -25.41 -24.24 0.09
C ALA D 11 -24.62 -25.09 1.07
N PHE D 12 -25.30 -25.94 1.84
CA PHE D 12 -24.64 -26.75 2.86
C PHE D 12 -23.67 -27.77 2.27
N SER D 13 -24.15 -28.53 1.28
CA SER D 13 -23.33 -29.54 0.62
C SER D 13 -22.16 -28.90 -0.12
N GLU D 14 -22.43 -27.75 -0.75
CA GLU D 14 -21.37 -26.96 -1.39
C GLU D 14 -20.32 -26.49 -0.39
N SER D 15 -20.76 -26.12 0.82
CA SER D 15 -19.84 -25.70 1.87
C SER D 15 -18.94 -26.84 2.35
N LEU D 16 -19.49 -28.05 2.42
CA LEU D 16 -18.70 -29.23 2.78
C LEU D 16 -17.64 -29.53 1.73
N ALA D 17 -18.05 -29.48 0.47
CA ALA D 17 -17.15 -29.70 -0.66
C ALA D 17 -16.05 -28.65 -0.70
N ALA D 18 -16.39 -27.41 -0.40
CA ALA D 18 -15.42 -26.32 -0.34
C ALA D 18 -14.37 -26.55 0.75
N GLU D 19 -14.80 -27.08 1.88
CA GLU D 19 -13.89 -27.39 2.98
C GLU D 19 -12.97 -28.58 2.65
N ILE D 20 -13.53 -29.62 2.05
CA ILE D 20 -12.76 -30.79 1.61
C ILE D 20 -11.67 -30.37 0.61
N SER D 21 -12.01 -29.42 -0.26
CA SER D 21 -11.11 -28.93 -1.31
C SER D 21 -10.09 -27.92 -0.80
N SER D 22 -10.35 -27.34 0.36
CA SER D 22 -9.49 -26.30 0.94
C SER D 22 -8.12 -26.84 1.35
N VAL D 23 -7.13 -25.94 1.38
CA VAL D 23 -5.81 -26.29 1.89
C VAL D 23 -5.94 -26.52 3.40
N SER D 24 -5.07 -27.36 3.94
CA SER D 24 -5.07 -27.68 5.36
C SER D 24 -4.72 -26.46 6.22
N ARG D 25 -5.10 -26.52 7.50
CA ARG D 25 -4.79 -25.46 8.46
C ARG D 25 -3.28 -25.37 8.70
N ASP D 26 -2.59 -26.50 8.56
CA ASP D 26 -1.14 -26.57 8.68
C ASP D 26 -0.44 -25.78 7.58
N GLU D 27 -0.98 -25.86 6.36
CA GLU D 27 -0.45 -25.12 5.22
C GLU D 27 -0.70 -23.62 5.37
N LEU D 28 -1.84 -23.27 5.97
CA LEU D 28 -2.17 -21.88 6.27
C LEU D 28 -1.20 -21.31 7.30
N MET D 29 -0.95 -22.08 8.36
CA MET D 29 -0.01 -21.70 9.40
C MET D 29 1.40 -21.52 8.84
N GLU D 30 1.79 -22.41 7.93
CA GLU D 30 3.08 -22.34 7.25
C GLU D 30 3.19 -21.09 6.38
N ALA D 31 2.07 -20.69 5.78
CA ALA D 31 2.00 -19.46 4.99
C ALA D 31 2.10 -18.23 5.89
N ILE D 32 1.44 -18.27 7.04
CA ILE D 32 1.46 -17.16 8.00
C ILE D 32 2.87 -16.97 8.59
N GLN D 33 3.51 -18.05 8.97
CA GLN D 33 4.89 -18.04 9.48
C GLN D 33 5.87 -17.43 8.48
N LYS D 34 5.70 -17.76 7.21
CA LYS D 34 6.52 -17.22 6.13
C LYS D 34 6.30 -15.72 5.94
N GLN D 35 5.04 -15.30 6.05
CA GLN D 35 4.67 -13.88 5.98
C GLN D 35 5.28 -13.09 7.14
N GLU D 36 5.23 -13.67 8.33
CA GLU D 36 5.77 -13.05 9.54
C GLU D 36 7.29 -12.88 9.43
N GLU D 37 7.96 -13.90 8.92
CA GLU D 37 9.42 -13.86 8.73
C GLU D 37 9.85 -12.75 7.76
N ILE D 38 9.06 -12.53 6.72
CA ILE D 38 9.28 -11.43 5.79
C ILE D 38 9.09 -10.10 6.49
N ASN D 39 7.98 -9.95 7.21
CA ASN D 39 7.66 -8.71 7.93
C ASN D 39 8.69 -8.38 9.01
N PHE D 40 9.17 -9.42 9.70
CA PHE D 40 10.27 -9.28 10.67
C PHE D 40 11.54 -8.72 10.00
N ARG D 41 11.88 -9.23 8.82
CA ARG D 41 13.02 -8.75 8.04
C ARG D 41 12.86 -7.28 7.67
N LEU D 42 11.65 -6.92 7.23
CA LEU D 42 11.36 -5.56 6.80
C LEU D 42 11.45 -4.59 7.98
N GLN D 43 10.91 -5.02 9.13
CA GLN D 43 10.98 -4.21 10.36
C GLN D 43 12.43 -3.99 10.80
N ASP D 44 13.24 -5.05 10.75
CA ASP D 44 14.65 -4.95 11.10
C ASP D 44 15.41 -4.02 10.15
N TYR D 45 15.10 -4.11 8.87
CA TYR D 45 15.67 -3.21 7.86
C TYR D 45 15.36 -1.76 8.22
N ILE D 46 14.09 -1.50 8.54
CA ILE D 46 13.64 -0.17 8.96
C ILE D 46 14.32 0.28 10.26
N ASP D 47 14.38 -0.63 11.24
CA ASP D 47 15.03 -0.33 12.53
C ASP D 47 16.50 0.03 12.37
N ARG D 48 17.18 -0.63 11.44
CA ARG D 48 18.60 -0.37 11.16
C ARG D 48 18.83 1.00 10.53
N ILE D 49 17.88 1.44 9.71
CA ILE D 49 17.92 2.78 9.13
C ILE D 49 17.69 3.82 10.21
N ILE D 50 16.62 3.61 11.00
CA ILE D 50 16.20 4.58 12.02
C ILE D 50 17.24 4.76 13.12
N VAL D 51 17.84 3.68 13.60
CA VAL D 51 18.86 3.79 14.66
C VAL D 51 20.03 4.71 14.23
N ALA D 52 20.47 4.55 12.98
CA ALA D 52 21.50 5.41 12.40
C ALA D 52 21.10 6.88 12.41
N ILE D 53 19.83 7.16 12.07
CA ILE D 53 19.28 8.51 12.12
C ILE D 53 19.25 9.03 13.56
N MET D 54 18.85 8.17 14.50
CA MET D 54 18.81 8.53 15.93
C MET D 54 20.19 8.92 16.46
N GLU D 55 21.23 8.29 15.92
CA GLU D 55 22.61 8.54 16.34
C GLU D 55 23.23 9.77 15.71
N THR D 56 22.86 10.08 14.47
CA THR D 56 23.55 11.13 13.71
C THR D 56 22.77 12.44 13.56
N ASN D 57 21.45 12.34 13.39
CA ASN D 57 20.60 13.54 13.27
C ASN D 57 19.16 13.28 13.73
N PRO D 58 18.97 13.04 15.05
CA PRO D 58 17.65 12.70 15.60
C PRO D 58 16.57 13.77 15.41
N SER D 59 16.97 15.01 15.10
CA SER D 59 16.02 16.12 14.95
C SER D 59 15.01 15.91 13.83
N ILE D 60 15.41 15.22 12.76
CA ILE D 60 14.52 15.01 11.61
C ILE D 60 13.39 14.01 11.90
N LEU D 61 13.48 13.32 13.03
CA LEU D 61 12.44 12.40 13.49
C LEU D 61 11.32 13.09 14.27
N GLU D 62 11.42 14.42 14.40
CA GLU D 62 10.37 15.18 15.09
C GLU D 62 9.13 15.33 14.22
N VAL D 63 7.97 15.02 14.80
CA VAL D 63 6.68 15.32 14.19
C VAL D 63 6.35 16.78 14.47
N LYS D 64 6.38 17.61 13.43
CA LYS D 64 6.13 19.05 13.57
C LYS D 64 4.76 19.46 13.02
N GLU E 4 36.57 3.04 -17.77
CA GLU E 4 36.25 3.79 -19.02
C GLU E 4 35.26 3.00 -19.88
N TYR E 5 34.26 3.70 -20.41
CA TYR E 5 33.25 3.09 -21.29
C TYR E 5 32.79 4.06 -22.38
N ASP E 6 32.26 3.50 -23.46
CA ASP E 6 31.71 4.30 -24.55
C ASP E 6 30.22 4.62 -24.33
N TYR E 7 29.47 3.60 -23.89
CA TYR E 7 28.04 3.74 -23.65
C TYR E 7 27.61 3.09 -22.35
N LEU E 8 26.66 3.71 -21.66
CA LEU E 8 26.05 3.13 -20.46
C LEU E 8 24.60 2.78 -20.75
N PHE E 9 24.26 1.50 -20.59
CA PHE E 9 22.90 1.04 -20.81
C PHE E 9 22.24 0.63 -19.49
N LYS E 10 21.17 1.32 -19.13
CA LYS E 10 20.37 0.93 -17.98
C LYS E 10 19.42 -0.21 -18.37
N VAL E 11 19.56 -1.33 -17.68
CA VAL E 11 18.72 -2.51 -17.93
C VAL E 11 18.05 -2.91 -16.62
N VAL E 12 16.75 -3.19 -16.68
CA VAL E 12 16.00 -3.58 -15.48
C VAL E 12 15.64 -5.07 -15.49
N LEU E 13 15.67 -5.68 -14.31
CA LEU E 13 15.21 -7.04 -14.14
C LEU E 13 13.80 -7.00 -13.56
N ILE E 14 12.88 -7.70 -14.22
CA ILE E 14 11.50 -7.80 -13.75
C ILE E 14 11.01 -9.24 -13.86
N GLY E 15 9.88 -9.52 -13.21
CA GLY E 15 9.34 -10.88 -13.13
C GLY E 15 8.96 -11.20 -11.70
N ASP E 16 8.08 -12.19 -11.55
CA ASP E 16 7.55 -12.62 -10.25
C ASP E 16 8.59 -12.84 -9.17
N SER E 17 8.20 -12.60 -7.92
CA SER E 17 9.03 -12.92 -6.75
C SER E 17 9.50 -14.37 -6.85
N GLY E 18 10.79 -14.58 -6.64
CA GLY E 18 11.35 -15.94 -6.58
C GLY E 18 11.88 -16.54 -7.88
N VAL E 19 11.70 -15.84 -9.00
CA VAL E 19 12.11 -16.40 -10.31
C VAL E 19 13.63 -16.45 -10.52
N GLY E 20 14.36 -15.63 -9.77
CA GLY E 20 15.82 -15.64 -9.80
C GLY E 20 16.49 -14.38 -10.29
N LYS E 21 15.76 -13.26 -10.27
CA LYS E 21 16.29 -11.97 -10.74
C LYS E 21 17.59 -11.59 -10.06
N SER E 22 17.60 -11.60 -8.72
CA SER E 22 18.78 -11.20 -7.95
C SER E 22 19.98 -12.12 -8.18
N ASN E 23 19.70 -13.40 -8.44
CA ASN E 23 20.76 -14.36 -8.74
C ASN E 23 21.30 -14.23 -10.17
N LEU E 24 20.45 -13.81 -11.10
CA LEU E 24 20.90 -13.47 -12.44
C LEU E 24 21.84 -12.25 -12.37
N LEU E 25 21.45 -11.27 -11.56
CA LEU E 25 22.30 -10.10 -11.32
C LEU E 25 23.66 -10.48 -10.75
N SER E 26 23.65 -11.29 -9.69
CA SER E 26 24.89 -11.70 -9.03
C SER E 26 25.77 -12.59 -9.92
N ARG E 27 25.13 -13.49 -10.65
CA ARG E 27 25.84 -14.40 -11.56
C ARG E 27 26.58 -13.63 -12.65
N PHE E 28 25.92 -12.63 -13.23
CA PHE E 28 26.53 -11.85 -14.30
C PHE E 28 27.60 -10.88 -13.80
N THR E 29 27.34 -10.17 -12.71
CA THR E 29 28.25 -9.12 -12.23
C THR E 29 29.31 -9.59 -11.22
N ARG E 30 29.11 -10.75 -10.61
CA ARG E 30 30.02 -11.26 -9.57
C ARG E 30 30.51 -12.68 -9.82
N ASN E 31 29.90 -13.37 -10.78
CA ASN E 31 30.06 -14.82 -10.94
C ASN E 31 29.75 -15.56 -9.64
N GLU E 32 28.64 -15.16 -9.00
CA GLU E 32 28.23 -15.71 -7.73
C GLU E 32 26.76 -16.08 -7.72
N PHE E 33 26.44 -17.20 -7.08
CA PHE E 33 25.07 -17.66 -6.90
C PHE E 33 24.87 -17.91 -5.41
N ASN E 34 23.71 -17.50 -4.90
CA ASN E 34 23.40 -17.68 -3.48
C ASN E 34 22.18 -18.58 -3.28
N LEU E 35 22.41 -19.73 -2.66
CA LEU E 35 21.33 -20.65 -2.28
C LEU E 35 20.38 -20.01 -1.25
N GLU E 36 20.94 -19.17 -0.39
CA GLU E 36 20.19 -18.61 0.74
C GLU E 36 19.65 -17.18 0.49
N SER E 37 19.47 -16.83 -0.78
CA SER E 37 18.98 -15.49 -1.11
C SER E 37 17.52 -15.32 -0.71
N LYS E 38 17.23 -14.15 -0.14
CA LYS E 38 15.88 -13.85 0.29
C LYS E 38 15.33 -12.72 -0.58
N SER E 39 14.04 -12.46 -0.45
CA SER E 39 13.38 -11.42 -1.24
C SER E 39 14.09 -10.09 -1.08
N THR E 40 14.27 -9.40 -2.20
CA THR E 40 14.98 -8.13 -2.23
C THR E 40 14.14 -7.05 -1.55
N ILE E 41 14.71 -6.40 -0.55
CA ILE E 41 13.97 -5.44 0.26
C ILE E 41 13.81 -4.08 -0.43
N GLY E 42 14.89 -3.55 -0.97
CA GLY E 42 14.88 -2.22 -1.58
C GLY E 42 15.05 -2.25 -3.08
N VAL E 43 15.88 -1.33 -3.57
CA VAL E 43 16.25 -1.30 -4.98
C VAL E 43 17.77 -1.19 -5.04
N GLU E 44 18.38 -1.99 -5.90
CA GLU E 44 19.83 -2.00 -6.06
C GLU E 44 20.20 -2.16 -7.52
N PHE E 45 21.45 -1.83 -7.85
CA PHE E 45 21.99 -2.10 -9.17
C PHE E 45 23.45 -2.55 -9.09
N ALA E 46 23.90 -3.22 -10.15
CA ALA E 46 25.29 -3.64 -10.27
C ALA E 46 25.71 -3.54 -11.72
N THR E 47 27.02 -3.39 -11.95
CA THR E 47 27.54 -3.11 -13.28
C THR E 47 28.53 -4.17 -13.77
N ARG E 48 28.59 -4.30 -15.10
CA ARG E 48 29.65 -5.05 -15.77
C ARG E 48 29.83 -4.48 -17.17
N SER E 49 31.08 -4.33 -17.58
CA SER E 49 31.42 -3.80 -18.91
C SER E 49 31.77 -4.94 -19.87
N ILE E 50 31.15 -4.91 -21.04
CA ILE E 50 31.39 -5.90 -22.09
C ILE E 50 31.69 -5.24 -23.43
N GLN E 51 32.33 -5.99 -24.32
CA GLN E 51 32.63 -5.50 -25.67
C GLN E 51 31.53 -5.88 -26.65
N VAL E 52 30.99 -4.88 -27.33
CA VAL E 52 30.02 -5.08 -28.42
C VAL E 52 30.45 -4.25 -29.63
N ASP E 53 30.75 -4.93 -30.73
CA ASP E 53 31.18 -4.30 -31.98
C ASP E 53 32.33 -3.29 -31.78
N GLY E 54 33.32 -3.71 -31.00
CA GLY E 54 34.52 -2.89 -30.75
C GLY E 54 34.37 -1.79 -29.71
N LYS E 55 33.18 -1.67 -29.13
CA LYS E 55 32.91 -0.64 -28.13
C LYS E 55 32.70 -1.23 -26.75
N THR E 56 33.15 -0.50 -25.72
CA THR E 56 32.92 -0.89 -24.33
C THR E 56 31.55 -0.39 -23.87
N ILE E 57 30.70 -1.34 -23.49
CA ILE E 57 29.36 -1.02 -23.01
C ILE E 57 29.27 -1.33 -21.52
N LYS E 58 28.97 -0.30 -20.72
CA LYS E 58 28.74 -0.49 -19.31
C LYS E 58 27.26 -0.79 -19.08
N ALA E 59 27.00 -2.03 -18.65
CA ALA E 59 25.64 -2.44 -18.32
C ALA E 59 25.33 -2.04 -16.88
N GLN E 60 24.27 -1.25 -16.71
CA GLN E 60 23.81 -0.85 -15.39
C GLN E 60 22.52 -1.61 -15.11
N ILE E 61 22.65 -2.72 -14.41
CA ILE E 61 21.54 -3.65 -14.24
C ILE E 61 20.85 -3.45 -12.90
N TRP E 62 19.58 -3.06 -12.95
CA TRP E 62 18.80 -2.76 -11.76
C TRP E 62 17.95 -3.96 -11.32
N ASP E 63 17.66 -4.00 -10.02
CA ASP E 63 16.99 -5.13 -9.40
C ASP E 63 16.09 -4.66 -8.26
N THR E 64 14.93 -5.30 -8.16
CA THR E 64 13.99 -5.08 -7.05
C THR E 64 13.05 -6.28 -6.92
N ALA E 65 12.34 -6.41 -5.80
CA ALA E 65 11.38 -7.49 -5.61
C ALA E 65 10.32 -7.44 -6.71
N GLY E 66 9.91 -8.61 -7.20
CA GLY E 66 8.91 -8.69 -8.27
C GLY E 66 7.47 -8.60 -7.78
N LEU E 67 7.16 -7.53 -7.06
CA LEU E 67 5.83 -7.34 -6.46
C LEU E 67 4.81 -6.79 -7.46
N GLU E 68 3.56 -7.26 -7.35
CA GLU E 68 2.48 -6.81 -8.23
C GLU E 68 1.88 -5.46 -7.81
N ARG E 69 1.95 -5.17 -6.52
CA ARG E 69 1.32 -3.99 -5.94
C ARG E 69 1.90 -2.69 -6.50
N TYR E 70 1.14 -1.61 -6.37
CA TYR E 70 1.70 -0.29 -6.60
C TYR E 70 2.88 -0.06 -5.64
N ARG E 71 3.94 0.55 -6.14
CA ARG E 71 5.08 0.92 -5.31
C ARG E 71 5.57 2.32 -5.63
N ALA E 72 6.04 3.05 -4.62
CA ALA E 72 6.61 4.38 -4.78
C ALA E 72 7.83 4.39 -5.72
N ILE E 73 8.49 3.24 -5.82
CA ILE E 73 9.72 3.10 -6.61
C ILE E 73 9.50 2.79 -8.11
N THR E 74 8.28 2.47 -8.48
CA THR E 74 8.00 1.89 -9.80
C THR E 74 8.37 2.80 -10.98
N SER E 75 7.88 4.04 -10.97
CA SER E 75 8.17 4.99 -12.05
C SER E 75 9.67 5.22 -12.24
N ALA E 76 10.37 5.48 -11.13
CA ALA E 76 11.81 5.72 -11.16
C ALA E 76 12.61 4.47 -11.56
N TYR E 77 12.08 3.30 -11.22
CA TYR E 77 12.73 2.03 -11.56
C TYR E 77 12.86 1.83 -13.06
N TYR E 78 11.76 2.05 -13.80
CA TYR E 78 11.74 1.88 -15.25
C TYR E 78 12.31 3.08 -16.01
N ARG E 79 12.36 4.25 -15.35
CA ARG E 79 12.77 5.48 -15.99
C ARG E 79 14.18 5.38 -16.58
N GLY E 80 14.30 5.67 -17.87
CA GLY E 80 15.58 5.69 -18.56
C GLY E 80 16.11 4.34 -18.99
N ALA E 81 15.36 3.28 -18.66
CA ALA E 81 15.74 1.92 -19.03
C ALA E 81 15.61 1.69 -20.53
N VAL E 82 16.66 1.12 -21.12
CA VAL E 82 16.70 0.85 -22.55
C VAL E 82 16.50 -0.65 -22.81
N GLY E 83 16.66 -1.45 -21.76
CA GLY E 83 16.47 -2.88 -21.82
C GLY E 83 15.75 -3.44 -20.60
N ALA E 84 14.98 -4.50 -20.80
CA ALA E 84 14.36 -5.23 -19.70
C ALA E 84 14.52 -6.74 -19.89
N LEU E 85 15.03 -7.41 -18.86
CA LEU E 85 14.98 -8.87 -18.81
C LEU E 85 13.72 -9.25 -18.04
N LEU E 86 12.78 -9.87 -18.73
CA LEU E 86 11.52 -10.28 -18.15
C LEU E 86 11.63 -11.76 -17.81
N VAL E 87 11.78 -12.03 -16.52
CA VAL E 87 12.14 -13.36 -16.05
C VAL E 87 10.94 -14.14 -15.50
N TYR E 88 10.88 -15.42 -15.89
CA TYR E 88 9.95 -16.37 -15.27
C TYR E 88 10.73 -17.62 -14.84
N ASP E 89 10.05 -18.50 -14.11
CA ASP E 89 10.62 -19.74 -13.59
C ASP E 89 10.07 -20.88 -14.43
N ILE E 90 10.95 -21.57 -15.14
CA ILE E 90 10.55 -22.69 -16.03
C ILE E 90 9.84 -23.81 -15.27
N ALA E 91 10.06 -23.88 -13.96
CA ALA E 91 9.45 -24.88 -13.10
C ALA E 91 8.14 -24.42 -12.44
N LYS E 92 7.77 -23.16 -12.65
CA LYS E 92 6.57 -22.58 -12.06
C LYS E 92 5.71 -21.89 -13.11
N HIS E 93 4.66 -22.56 -13.56
CA HIS E 93 3.85 -22.09 -14.69
C HIS E 93 3.16 -20.76 -14.41
N LEU E 94 2.79 -20.52 -13.14
CA LEU E 94 2.16 -19.26 -12.75
C LEU E 94 3.01 -18.04 -13.10
N THR E 95 4.32 -18.15 -12.90
CA THR E 95 5.26 -17.07 -13.21
C THR E 95 5.30 -16.76 -14.71
N TYR E 96 5.07 -17.79 -15.52
CA TYR E 96 4.97 -17.64 -16.97
C TYR E 96 3.61 -17.07 -17.37
N GLU E 97 2.55 -17.50 -16.68
CA GLU E 97 1.21 -16.95 -16.88
C GLU E 97 1.20 -15.44 -16.64
N ASN E 98 2.05 -14.98 -15.72
CA ASN E 98 2.10 -13.58 -15.32
C ASN E 98 2.93 -12.68 -16.22
N VAL E 99 3.62 -13.27 -17.20
CA VAL E 99 4.42 -12.52 -18.16
C VAL E 99 3.59 -11.42 -18.83
N GLU E 100 2.32 -11.73 -19.15
CA GLU E 100 1.42 -10.77 -19.78
C GLU E 100 1.28 -9.50 -18.94
N ARG E 101 1.19 -9.66 -17.62
CA ARG E 101 1.10 -8.52 -16.70
C ARG E 101 2.37 -7.68 -16.69
N TRP E 102 3.54 -8.33 -16.74
CA TRP E 102 4.83 -7.62 -16.76
C TRP E 102 5.04 -6.83 -18.04
N LEU E 103 4.53 -7.35 -19.15
CA LEU E 103 4.50 -6.63 -20.42
C LEU E 103 3.65 -5.35 -20.31
N LYS E 104 2.53 -5.46 -19.60
CA LYS E 104 1.67 -4.30 -19.32
C LYS E 104 2.40 -3.27 -18.45
N GLU E 105 3.14 -3.77 -17.45
CA GLU E 105 3.98 -2.91 -16.62
C GLU E 105 4.97 -2.12 -17.47
N LEU E 106 5.59 -2.79 -18.43
CA LEU E 106 6.53 -2.14 -19.35
C LEU E 106 5.82 -1.10 -20.19
N ARG E 107 4.62 -1.44 -20.67
CA ARG E 107 3.74 -0.51 -21.37
C ARG E 107 3.51 0.75 -20.52
N ASP E 108 3.20 0.55 -19.24
CA ASP E 108 2.80 1.63 -18.34
C ASP E 108 3.94 2.56 -17.90
N HIS E 109 5.15 2.01 -17.74
CA HIS E 109 6.20 2.73 -17.03
C HIS E 109 7.51 2.93 -17.80
N ALA E 110 7.68 2.20 -18.91
CA ALA E 110 8.92 2.24 -19.66
C ALA E 110 8.74 2.86 -21.04
N ASP E 111 9.85 3.32 -21.61
CA ASP E 111 9.89 3.82 -22.98
C ASP E 111 9.32 2.77 -23.94
N SER E 112 8.52 3.23 -24.89
CA SER E 112 7.85 2.36 -25.86
C SER E 112 8.81 1.51 -26.69
N ASN E 113 10.06 1.96 -26.83
CA ASN E 113 11.07 1.28 -27.63
C ASN E 113 12.10 0.52 -26.78
N ILE E 114 11.75 0.27 -25.52
CA ILE E 114 12.60 -0.54 -24.65
C ILE E 114 12.78 -1.95 -25.22
N VAL E 115 14.02 -2.42 -25.25
CA VAL E 115 14.33 -3.77 -25.73
C VAL E 115 13.97 -4.78 -24.64
N ILE E 116 13.12 -5.76 -24.97
CA ILE E 116 12.67 -6.75 -23.99
C ILE E 116 13.11 -8.17 -24.36
N MET E 117 13.74 -8.83 -23.40
CA MET E 117 14.07 -10.25 -23.52
C MET E 117 13.28 -11.06 -22.52
N LEU E 118 12.54 -12.05 -23.02
CA LEU E 118 11.88 -13.04 -22.18
C LEU E 118 12.93 -14.05 -21.73
N VAL E 119 13.08 -14.22 -20.42
CA VAL E 119 14.08 -15.12 -19.86
C VAL E 119 13.41 -16.24 -19.05
N GLY E 120 13.56 -17.47 -19.51
CA GLY E 120 13.11 -18.63 -18.74
C GLY E 120 14.26 -19.12 -17.88
N ASN E 121 14.23 -18.76 -16.60
CA ASN E 121 15.29 -19.09 -15.66
C ASN E 121 15.06 -20.42 -14.93
N LYS E 122 16.12 -20.98 -14.35
CA LYS E 122 16.11 -22.27 -13.63
C LYS E 122 16.02 -23.47 -14.57
N SER E 123 16.67 -23.36 -15.73
CA SER E 123 16.69 -24.43 -16.73
C SER E 123 17.36 -25.71 -16.22
N ASP E 124 18.09 -25.59 -15.11
CA ASP E 124 18.72 -26.74 -14.44
C ASP E 124 17.68 -27.68 -13.81
N LEU E 125 16.49 -27.14 -13.53
CA LEU E 125 15.41 -27.92 -12.92
C LEU E 125 14.66 -28.75 -13.96
N ARG E 126 15.42 -29.52 -14.74
CA ARG E 126 14.90 -30.27 -15.89
C ARG E 126 13.75 -31.22 -15.53
N HIS E 127 13.84 -31.82 -14.34
CA HIS E 127 12.82 -32.76 -13.86
C HIS E 127 11.52 -32.07 -13.43
N LEU E 128 11.58 -30.76 -13.23
CA LEU E 128 10.43 -30.00 -12.74
C LEU E 128 9.84 -29.01 -13.76
N ARG E 129 10.34 -29.05 -15.00
CA ARG E 129 9.87 -28.17 -16.07
C ARG E 129 8.35 -28.13 -16.18
N ALA E 130 7.81 -26.91 -16.16
CA ALA E 130 6.37 -26.68 -16.25
C ALA E 130 6.01 -25.86 -17.50
N VAL E 131 7.03 -25.25 -18.10
CA VAL E 131 6.86 -24.40 -19.27
C VAL E 131 7.73 -24.91 -20.43
N PRO E 132 7.09 -25.51 -21.45
CA PRO E 132 7.81 -25.99 -22.64
C PRO E 132 8.55 -24.86 -23.36
N THR E 133 9.79 -25.12 -23.75
CA THR E 133 10.64 -24.12 -24.41
C THR E 133 10.00 -23.58 -25.69
N ASP E 134 9.45 -24.47 -26.52
CA ASP E 134 8.85 -24.07 -27.79
C ASP E 134 7.61 -23.18 -27.64
N GLU E 135 6.80 -23.44 -26.61
CA GLU E 135 5.64 -22.61 -26.30
C GLU E 135 6.08 -21.19 -25.93
N ALA E 136 7.08 -21.09 -25.06
CA ALA E 136 7.61 -19.81 -24.60
C ALA E 136 8.30 -19.03 -25.72
N ARG E 137 9.07 -19.74 -26.55
CA ARG E 137 9.74 -19.12 -27.70
C ARG E 137 8.72 -18.56 -28.69
N ALA E 138 7.62 -19.30 -28.90
CA ALA E 138 6.53 -18.84 -29.75
C ALA E 138 5.82 -17.59 -29.21
N PHE E 139 5.67 -17.53 -27.88
CA PHE E 139 5.06 -16.38 -27.22
C PHE E 139 5.92 -15.12 -27.42
N ALA E 140 7.23 -15.29 -27.25
CA ALA E 140 8.19 -14.20 -27.42
C ALA E 140 8.18 -13.65 -28.84
N GLU E 141 8.21 -14.56 -29.82
CA GLU E 141 8.14 -14.20 -31.23
C GLU E 141 6.89 -13.38 -31.54
N LYS E 142 5.75 -13.84 -31.03
CA LYS E 142 4.46 -13.20 -31.25
C LYS E 142 4.35 -11.81 -30.60
N ASN E 143 5.00 -11.64 -29.46
CA ASN E 143 4.98 -10.38 -28.73
C ASN E 143 6.21 -9.50 -28.99
N GLY E 144 7.02 -9.88 -29.97
CA GLY E 144 8.19 -9.10 -30.38
C GLY E 144 9.29 -9.02 -29.33
N LEU E 145 9.48 -10.12 -28.60
CA LEU E 145 10.51 -10.20 -27.57
C LEU E 145 11.54 -11.23 -27.99
N SER E 146 12.80 -10.98 -27.66
CA SER E 146 13.83 -12.01 -27.79
C SER E 146 13.62 -13.05 -26.68
N PHE E 147 14.21 -14.23 -26.83
CA PHE E 147 13.99 -15.32 -25.89
C PHE E 147 15.26 -16.10 -25.58
N ILE E 148 15.41 -16.46 -24.31
CA ILE E 148 16.51 -17.32 -23.87
C ILE E 148 16.11 -18.06 -22.60
N GLU E 149 16.65 -19.26 -22.41
CA GLU E 149 16.52 -19.97 -21.14
C GLU E 149 17.86 -19.94 -20.42
N THR E 150 17.82 -19.66 -19.12
CA THR E 150 19.02 -19.52 -18.31
C THR E 150 18.97 -20.40 -17.07
N SER E 151 20.14 -20.65 -16.48
CA SER E 151 20.23 -21.13 -15.10
C SER E 151 21.27 -20.29 -14.38
N ALA E 152 20.80 -19.44 -13.46
CA ALA E 152 21.71 -18.69 -12.60
C ALA E 152 22.50 -19.65 -11.70
N LEU E 153 21.88 -20.78 -11.36
CA LEU E 153 22.50 -21.81 -10.51
C LEU E 153 23.78 -22.40 -11.12
N ASP E 154 23.71 -22.82 -12.37
CA ASP E 154 24.89 -23.43 -13.04
C ASP E 154 25.51 -22.58 -14.15
N SER E 155 25.09 -21.31 -14.23
CA SER E 155 25.63 -20.32 -15.19
C SER E 155 25.08 -20.36 -16.61
N THR E 156 24.39 -21.45 -16.99
CA THR E 156 23.98 -21.68 -18.37
C THR E 156 23.28 -20.46 -18.99
N ASN E 157 23.84 -19.95 -20.08
CA ASN E 157 23.26 -18.87 -20.89
C ASN E 157 23.16 -17.48 -20.24
N VAL E 158 23.67 -17.33 -19.03
CA VAL E 158 23.58 -16.07 -18.30
C VAL E 158 24.38 -14.96 -19.00
N GLU E 159 25.65 -15.24 -19.28
CA GLU E 159 26.47 -14.33 -20.07
C GLU E 159 25.90 -14.09 -21.47
N ALA E 160 25.36 -15.15 -22.06
CA ALA E 160 24.71 -15.06 -23.38
C ALA E 160 23.48 -14.16 -23.37
N ALA E 161 22.67 -14.26 -22.32
CA ALA E 161 21.45 -13.47 -22.18
C ALA E 161 21.73 -11.97 -22.19
N PHE E 162 22.69 -11.56 -21.35
CA PHE E 162 23.08 -10.16 -21.24
C PHE E 162 23.82 -9.65 -22.48
N GLN E 163 24.73 -10.47 -23.02
CA GLN E 163 25.43 -10.12 -24.25
C GLN E 163 24.44 -9.85 -25.39
N THR E 164 23.44 -10.72 -25.52
CA THR E 164 22.44 -10.62 -26.58
C THR E 164 21.57 -9.36 -26.45
N ILE E 165 21.03 -9.11 -25.25
CA ILE E 165 20.18 -7.92 -25.06
C ILE E 165 20.93 -6.61 -25.24
N LEU E 166 22.16 -6.54 -24.72
CA LEU E 166 22.98 -5.33 -24.82
C LEU E 166 23.45 -5.08 -26.25
N THR E 167 23.66 -6.15 -27.01
CA THR E 167 23.99 -6.07 -28.43
C THR E 167 22.82 -5.49 -29.22
N GLU E 168 21.61 -5.95 -28.93
CA GLU E 168 20.41 -5.42 -29.59
C GLU E 168 20.20 -3.94 -29.29
N ILE E 169 20.43 -3.54 -28.03
CA ILE E 169 20.32 -2.14 -27.62
C ILE E 169 21.34 -1.26 -28.35
N TYR E 170 22.55 -1.78 -28.52
CA TYR E 170 23.61 -1.06 -29.23
C TYR E 170 23.30 -0.90 -30.73
N ARG E 171 22.61 -1.89 -31.30
CA ARG E 171 22.38 -1.95 -32.74
C ARG E 171 21.07 -1.32 -33.23
N ILE E 172 20.16 -0.98 -32.32
CA ILE E 172 18.88 -0.37 -32.69
C ILE E 172 18.99 1.12 -32.99
N SER F 24 -9.72 -21.14 14.23
CA SER F 24 -10.57 -21.53 13.06
C SER F 24 -9.93 -21.11 11.73
N ARG F 25 -10.28 -21.81 10.66
CA ARG F 25 -9.83 -21.48 9.31
C ARG F 25 -10.11 -20.01 8.99
N ASP F 26 -11.28 -19.54 9.42
CA ASP F 26 -11.69 -18.15 9.25
C ASP F 26 -10.72 -17.18 9.90
N GLU F 27 -10.30 -17.50 11.12
CA GLU F 27 -9.34 -16.67 11.87
C GLU F 27 -7.96 -16.69 11.22
N LEU F 28 -7.56 -17.87 10.75
CA LEU F 28 -6.29 -18.04 10.04
C LEU F 28 -6.26 -17.26 8.73
N MET F 29 -7.41 -17.18 8.06
CA MET F 29 -7.56 -16.38 6.84
C MET F 29 -7.44 -14.88 7.14
N GLU F 30 -8.00 -14.47 8.29
CA GLU F 30 -7.89 -13.09 8.75
C GLU F 30 -6.47 -12.76 9.21
N ALA F 31 -5.77 -13.76 9.74
CA ALA F 31 -4.37 -13.61 10.16
C ALA F 31 -3.43 -13.43 8.95
N ILE F 32 -3.74 -14.10 7.84
CA ILE F 32 -3.02 -13.90 6.59
C ILE F 32 -3.23 -12.48 6.08
N GLN F 33 -4.50 -12.03 6.11
CA GLN F 33 -4.87 -10.69 5.69
C GLN F 33 -4.14 -9.62 6.49
N LYS F 34 -4.07 -9.82 7.81
CA LYS F 34 -3.40 -8.91 8.73
C LYS F 34 -1.90 -8.79 8.43
N GLN F 35 -1.26 -9.92 8.13
CA GLN F 35 0.16 -9.93 7.77
C GLN F 35 0.42 -9.22 6.43
N GLU F 36 -0.49 -9.40 5.48
CA GLU F 36 -0.41 -8.69 4.19
C GLU F 36 -0.56 -7.19 4.38
N GLU F 37 -1.44 -6.80 5.29
CA GLU F 37 -1.68 -5.39 5.60
C GLU F 37 -0.46 -4.74 6.27
N ILE F 38 0.16 -5.48 7.18
CA ILE F 38 1.44 -5.08 7.77
C ILE F 38 2.52 -4.96 6.70
N ASN F 39 2.58 -5.94 5.80
CA ASN F 39 3.57 -5.94 4.72
C ASN F 39 3.46 -4.72 3.79
N PHE F 40 2.23 -4.41 3.38
CA PHE F 40 1.99 -3.23 2.55
C PHE F 40 2.49 -1.95 3.22
N ARG F 41 2.24 -1.82 4.53
CA ARG F 41 2.69 -0.65 5.28
C ARG F 41 4.21 -0.57 5.41
N LEU F 42 4.85 -1.68 5.75
CA LEU F 42 6.30 -1.74 5.90
C LEU F 42 7.05 -1.54 4.58
N GLN F 43 6.57 -2.20 3.53
CA GLN F 43 7.17 -2.07 2.20
C GLN F 43 6.99 -0.66 1.63
N ASP F 44 5.84 -0.04 1.87
CA ASP F 44 5.59 1.33 1.41
C ASP F 44 6.53 2.31 2.09
N TYR F 45 6.70 2.14 3.41
CA TYR F 45 7.62 2.95 4.21
C TYR F 45 9.03 2.89 3.61
N ILE F 46 9.49 1.68 3.31
CA ILE F 46 10.80 1.45 2.70
C ILE F 46 10.88 2.08 1.30
N ASP F 47 9.90 1.79 0.46
CA ASP F 47 9.87 2.27 -0.92
C ASP F 47 9.89 3.80 -1.02
N ARG F 48 9.26 4.47 -0.05
CA ARG F 48 9.23 5.93 0.00
C ARG F 48 10.61 6.54 0.24
N ILE F 49 11.41 5.88 1.07
CA ILE F 49 12.80 6.29 1.31
C ILE F 49 13.66 5.99 0.07
N ILE F 50 13.51 4.79 -0.47
CA ILE F 50 14.30 4.33 -1.61
C ILE F 50 14.11 5.22 -2.84
N VAL F 51 12.87 5.58 -3.16
CA VAL F 51 12.60 6.41 -4.33
C VAL F 51 13.25 7.79 -4.21
N ALA F 52 13.26 8.33 -2.98
CA ALA F 52 13.95 9.59 -2.70
C ALA F 52 15.46 9.48 -2.98
N ILE F 53 16.05 8.35 -2.60
CA ILE F 53 17.46 8.07 -2.91
C ILE F 53 17.67 7.93 -4.42
N MET F 54 16.76 7.21 -5.09
CA MET F 54 16.81 7.02 -6.54
C MET F 54 16.79 8.34 -7.31
N GLU F 55 16.06 9.32 -6.80
CA GLU F 55 15.86 10.58 -7.52
C GLU F 55 16.81 11.71 -7.11
N THR F 56 17.73 11.40 -6.20
CA THR F 56 18.67 12.41 -5.69
C THR F 56 20.12 11.93 -5.66
N ASN F 57 20.33 10.68 -5.27
CA ASN F 57 21.66 10.11 -5.08
C ASN F 57 21.69 8.60 -5.34
N PRO F 58 21.38 8.18 -6.59
CA PRO F 58 21.21 6.75 -6.92
C PRO F 58 22.48 5.89 -6.77
N SER F 59 23.65 6.50 -6.81
CA SER F 59 24.93 5.76 -6.72
C SER F 59 25.10 4.96 -5.43
N ILE F 60 24.41 5.40 -4.37
CA ILE F 60 24.44 4.71 -3.08
C ILE F 60 23.78 3.33 -3.13
N LEU F 61 23.03 3.06 -4.19
CA LEU F 61 22.29 1.81 -4.33
C LEU F 61 23.08 0.73 -5.09
N GLU F 62 24.30 1.07 -5.50
CA GLU F 62 25.14 0.11 -6.22
C GLU F 62 25.68 -0.98 -5.30
N VAL F 63 25.62 -2.21 -5.79
CA VAL F 63 26.32 -3.33 -5.15
C VAL F 63 27.73 -3.35 -5.75
N LYS F 64 28.70 -2.91 -4.96
CA LYS F 64 30.10 -2.84 -5.39
C LYS F 64 30.94 -3.92 -4.73
#